data_1VL5
#
_entry.id   1VL5
#
_cell.length_a   64.006
_cell.length_b   87.475
_cell.length_c   105.236
_cell.angle_alpha   90.00
_cell.angle_beta   100.57
_cell.angle_gamma   90.00
#
_symmetry.space_group_name_H-M   'P 1 21 1'
#
loop_
_entity.id
_entity.type
_entity.pdbx_description
1 polymer 'unknown conserved protein BH2331'
2 water water
#
_entity_poly.entity_id   1
_entity_poly.type   'polypeptide(L)'
_entity_poly.pdbx_seq_one_letter_code
;(MSE)GSDKIHHHHHH(MSE)YVTSQIHAKGSDLAKL(MSE)QIAALKGNEEVLDVATGGGHVANAFAPFVKKVVAFDLT
EDILKVARAFIEGNGHQQVEYVQGDAEQ(MSE)PFTDERFHIVTCRIAAHHFPNPASFVSEAYRVLKKGGQLLLVDNSAP
ENDAFDVFYNYVEKERDYSHHRAWKKSDWLK(MSE)LEEAGFELEELHCFHKTFIFEDWCDR(MSE)NVTTEKKQELSDF
IKSKPTEYYQKFKIVVEDGRVYSFRGESIL(MSE)KARKPTVKNKGSS
;
_entity_poly.pdbx_strand_id   A,B,C,D
#
# COMPACT_ATOMS: atom_id res chain seq x y z
N GLY A 23 0.77 5.67 -31.00
CA GLY A 23 1.31 5.20 -29.70
C GLY A 23 1.14 6.25 -28.61
N SER A 24 1.10 5.79 -27.36
CA SER A 24 1.07 6.69 -26.22
C SER A 24 2.47 7.26 -26.08
N ASP A 25 2.77 8.19 -26.98
CA ASP A 25 4.11 8.79 -26.94
C ASP A 25 4.14 10.24 -26.40
N LEU A 26 5.33 10.85 -26.41
CA LEU A 26 5.43 12.14 -25.80
C LEU A 26 4.72 13.15 -26.67
N ALA A 27 4.75 12.94 -27.99
CA ALA A 27 4.11 13.88 -28.90
C ALA A 27 2.59 13.94 -28.61
N LYS A 28 1.96 12.78 -28.46
CA LYS A 28 0.55 12.70 -28.07
C LYS A 28 0.20 13.38 -26.73
N LEU A 29 1.02 13.15 -25.72
CA LEU A 29 0.92 13.89 -24.46
C LEU A 29 1.00 15.39 -24.64
N MSE A 30 2.00 15.87 -25.38
CA MSE A 30 2.16 17.29 -25.59
C MSE A 30 0.93 17.88 -26.28
O MSE A 30 0.44 18.92 -25.88
CB MSE A 30 3.39 17.55 -26.46
CG MSE A 30 4.73 17.17 -25.84
SE MSE A 30 5.02 18.27 -24.27
CE MSE A 30 5.17 19.96 -25.30
N GLN A 31 0.42 17.21 -27.31
CA GLN A 31 -0.77 17.67 -28.04
C GLN A 31 -1.97 17.80 -27.12
N ILE A 32 -2.25 16.74 -26.35
CA ILE A 32 -3.40 16.71 -25.42
C ILE A 32 -3.26 17.78 -24.33
N ALA A 33 -2.02 18.09 -23.95
CA ALA A 33 -1.75 19.09 -22.91
C ALA A 33 -2.33 20.46 -23.25
N ALA A 34 -2.21 20.82 -24.52
CA ALA A 34 -2.78 22.06 -25.01
C ALA A 34 -2.11 23.25 -24.31
N LEU A 35 -0.79 23.27 -24.34
CA LEU A 35 0.00 24.22 -23.54
C LEU A 35 -0.20 25.63 -23.98
N LYS A 36 -0.14 26.53 -23.03
CA LYS A 36 -0.29 27.98 -23.27
C LYS A 36 1.02 28.79 -23.15
N GLY A 37 2.07 28.23 -22.55
CA GLY A 37 3.34 28.90 -22.49
C GLY A 37 3.61 29.51 -21.12
N ASN A 38 2.62 29.60 -20.26
CA ASN A 38 2.82 30.26 -18.96
C ASN A 38 2.96 29.26 -17.81
N GLU A 39 2.96 27.97 -18.09
CA GLU A 39 2.70 27.02 -17.02
C GLU A 39 3.90 26.74 -16.12
N GLU A 40 3.61 26.51 -14.86
CA GLU A 40 4.51 25.84 -13.99
C GLU A 40 4.04 24.37 -13.85
N VAL A 41 4.94 23.46 -14.20
CA VAL A 41 4.67 22.05 -14.37
C VAL A 41 5.43 21.25 -13.31
N LEU A 42 4.75 20.31 -12.64
CA LEU A 42 5.41 19.34 -11.81
C LEU A 42 5.39 17.97 -12.49
N ASP A 43 6.59 17.45 -12.78
CA ASP A 43 6.76 16.12 -13.38
C ASP A 43 7.05 15.11 -12.29
N VAL A 44 6.00 14.39 -11.88
CA VAL A 44 6.05 13.44 -10.77
C VAL A 44 6.71 12.13 -11.22
N ALA A 45 7.72 11.69 -10.42
CA ALA A 45 8.50 10.49 -10.68
C ALA A 45 9.19 10.66 -12.02
N THR A 46 9.97 11.72 -12.11
CA THR A 46 10.52 12.09 -13.37
C THR A 46 11.41 11.00 -13.99
N GLY A 47 12.06 10.18 -13.16
CA GLY A 47 12.84 9.01 -13.67
C GLY A 47 13.97 9.49 -14.54
N GLY A 48 13.98 9.07 -15.81
CA GLY A 48 15.04 9.46 -16.76
C GLY A 48 14.90 10.91 -17.26
N GLY A 49 13.78 11.54 -16.90
CA GLY A 49 13.55 12.97 -17.13
C GLY A 49 12.91 13.32 -18.48
N HIS A 50 12.30 12.33 -19.12
CA HIS A 50 11.86 12.58 -20.51
C HIS A 50 10.66 13.50 -20.61
N VAL A 51 9.74 13.43 -19.65
CA VAL A 51 8.59 14.31 -19.71
C VAL A 51 9.02 15.79 -19.45
N ALA A 52 9.73 16.03 -18.36
CA ALA A 52 10.23 17.35 -18.09
C ALA A 52 10.99 17.89 -19.26
N ASN A 53 11.82 17.03 -19.86
CA ASN A 53 12.62 17.40 -21.04
C ASN A 53 11.75 17.91 -22.18
N ALA A 54 10.67 17.16 -22.45
CA ALA A 54 9.74 17.52 -23.52
C ALA A 54 8.96 18.81 -23.24
N PHE A 55 8.57 19.04 -21.99
CA PHE A 55 7.69 20.17 -21.63
C PHE A 55 8.48 21.47 -21.51
N ALA A 56 9.73 21.33 -21.08
CA ALA A 56 10.60 22.48 -20.72
C ALA A 56 10.62 23.65 -21.70
N PRO A 57 10.86 23.38 -22.99
CA PRO A 57 10.94 24.52 -23.92
C PRO A 57 9.64 25.32 -24.07
N PHE A 58 8.49 24.70 -23.76
CA PHE A 58 7.19 25.30 -24.06
C PHE A 58 6.48 25.90 -22.84
N VAL A 59 7.05 25.76 -21.66
CA VAL A 59 6.44 26.27 -20.42
C VAL A 59 7.37 27.23 -19.66
N LYS A 60 6.89 27.82 -18.58
CA LYS A 60 7.67 28.80 -17.80
C LYS A 60 8.72 28.06 -16.99
N LYS A 61 8.26 27.08 -16.22
CA LYS A 61 9.15 26.34 -15.32
C LYS A 61 8.70 24.92 -15.13
N VAL A 62 9.65 24.02 -14.95
CA VAL A 62 9.36 22.61 -14.63
C VAL A 62 10.07 22.20 -13.33
N VAL A 63 9.36 21.50 -12.45
CA VAL A 63 9.96 20.86 -11.33
C VAL A 63 9.99 19.40 -11.65
N ALA A 64 11.19 18.83 -11.75
CA ALA A 64 11.38 17.39 -11.95
C ALA A 64 11.55 16.75 -10.59
N PHE A 65 10.63 15.86 -10.24
CA PHE A 65 10.47 15.38 -8.88
C PHE A 65 10.62 13.86 -8.80
N ASP A 66 11.47 13.37 -7.92
CA ASP A 66 11.58 11.94 -7.72
C ASP A 66 12.18 11.62 -6.36
N LEU A 67 12.21 10.33 -6.05
CA LEU A 67 12.45 9.86 -4.70
C LEU A 67 13.89 10.01 -4.22
N THR A 68 14.88 9.93 -5.11
CA THR A 68 16.30 10.01 -4.68
C THR A 68 17.14 10.98 -5.50
N GLU A 69 18.24 11.45 -4.89
CA GLU A 69 19.26 12.26 -5.59
C GLU A 69 19.89 11.54 -6.79
N ASP A 70 20.17 10.24 -6.68
CA ASP A 70 20.70 9.46 -7.78
C ASP A 70 19.81 9.56 -9.00
N ILE A 71 18.50 9.41 -8.81
CA ILE A 71 17.56 9.55 -9.92
C ILE A 71 17.63 10.99 -10.52
N LEU A 72 17.63 11.98 -9.65
CA LEU A 72 17.62 13.37 -10.08
C LEU A 72 18.90 13.72 -10.80
N LYS A 73 19.98 13.07 -10.44
CA LYS A 73 21.28 13.28 -11.16
C LYS A 73 21.18 12.83 -12.60
N VAL A 74 20.51 11.70 -12.78
CA VAL A 74 20.41 11.12 -14.09
C VAL A 74 19.45 11.93 -14.95
N ALA A 75 18.35 12.36 -14.38
CA ALA A 75 17.42 13.20 -15.10
C ALA A 75 18.10 14.46 -15.52
N ARG A 76 18.86 15.07 -14.61
CA ARG A 76 19.54 16.34 -14.90
C ARG A 76 20.53 16.23 -16.04
N ALA A 77 21.27 15.11 -16.06
CA ALA A 77 22.27 14.90 -17.11
C ALA A 77 21.57 14.87 -18.46
N PHE A 78 20.44 14.23 -18.54
CA PHE A 78 19.72 14.16 -19.78
C PHE A 78 19.12 15.53 -20.18
N ILE A 79 18.43 16.15 -19.22
CA ILE A 79 17.71 17.41 -19.48
C ILE A 79 18.69 18.55 -19.79
N GLU A 80 19.78 18.65 -19.00
CA GLU A 80 20.71 19.74 -19.23
C GLU A 80 21.54 19.50 -20.51
N GLY A 81 21.70 18.22 -20.84
CA GLY A 81 22.24 17.82 -22.10
C GLY A 81 21.49 18.38 -23.32
N ASN A 82 20.17 18.56 -23.21
CA ASN A 82 19.37 19.18 -24.28
C ASN A 82 19.22 20.66 -24.14
N GLY A 83 19.94 21.24 -23.20
CA GLY A 83 19.99 22.69 -23.08
C GLY A 83 18.83 23.31 -22.35
N HIS A 84 18.09 22.54 -21.54
CA HIS A 84 16.96 23.14 -20.79
C HIS A 84 17.46 23.66 -19.42
N GLN A 85 17.26 24.95 -19.14
CA GLN A 85 17.80 25.57 -17.92
C GLN A 85 16.74 26.14 -16.95
N GLN A 86 15.46 25.97 -17.21
CA GLN A 86 14.48 26.40 -16.18
C GLN A 86 13.79 25.17 -15.57
N VAL A 87 14.61 24.16 -15.25
CA VAL A 87 14.12 22.96 -14.57
C VAL A 87 14.77 22.93 -13.19
N GLU A 88 13.95 22.71 -12.19
CA GLU A 88 14.37 22.56 -10.80
C GLU A 88 14.15 21.10 -10.37
N TYR A 89 15.17 20.48 -9.80
CA TYR A 89 15.15 19.07 -9.39
C TYR A 89 14.88 19.02 -7.89
N VAL A 90 13.87 18.23 -7.52
CA VAL A 90 13.37 18.20 -6.15
C VAL A 90 13.08 16.75 -5.74
N GLN A 91 13.52 16.39 -4.55
CA GLN A 91 13.42 15.03 -4.11
C GLN A 91 12.18 14.89 -3.23
N GLY A 92 11.47 13.77 -3.34
CA GLY A 92 10.36 13.46 -2.45
C GLY A 92 9.42 12.39 -3.00
N ASP A 93 8.37 12.16 -2.25
CA ASP A 93 7.41 11.08 -2.52
C ASP A 93 6.12 11.62 -3.13
N ALA A 94 5.65 10.95 -4.18
CA ALA A 94 4.43 11.33 -4.91
C ALA A 94 3.21 11.33 -4.03
N GLU A 95 3.27 10.48 -2.99
CA GLU A 95 2.20 10.34 -1.99
N GLN A 96 3.07 12.10 -0.73
CA GLN A 96 3.27 13.12 0.30
C GLN A 96 4.19 14.22 -0.21
N MSE A 97 3.65 15.10 -1.02
N MSE A 97 3.64 15.08 -1.07
CA MSE A 97 4.48 16.02 -1.78
CA MSE A 97 4.40 16.08 -1.84
C MSE A 97 4.71 17.34 -1.09
C MSE A 97 4.72 17.29 -0.98
O MSE A 97 3.77 17.98 -0.64
O MSE A 97 3.86 17.77 -0.28
CB MSE A 97 3.88 16.27 -3.15
CB MSE A 97 3.60 16.57 -3.05
CG MSE A 97 3.85 15.02 -3.95
CG MSE A 97 3.20 15.47 -4.03
SE MSE A 97 3.59 15.46 -5.77
SE MSE A 97 2.22 16.19 -5.56
CE MSE A 97 1.61 15.35 -5.86
CE MSE A 97 1.85 14.53 -6.45
N PRO A 98 5.96 17.77 -1.04
CA PRO A 98 6.36 18.89 -0.22
C PRO A 98 6.20 20.23 -0.94
N PHE A 99 5.02 20.46 -1.48
CA PHE A 99 4.74 21.66 -2.19
C PHE A 99 3.51 22.24 -1.58
N THR A 100 3.32 23.53 -1.79
CA THR A 100 2.18 24.25 -1.27
C THR A 100 0.99 23.97 -2.15
N ASP A 101 -0.18 24.19 -1.55
CA ASP A 101 -1.44 24.08 -2.24
C ASP A 101 -1.44 25.03 -3.42
N GLU A 102 -2.06 24.63 -4.51
CA GLU A 102 -2.35 25.54 -5.65
C GLU A 102 -1.12 26.17 -6.17
N ARG A 103 -0.07 25.38 -6.35
CA ARG A 103 1.17 25.90 -6.94
C ARG A 103 1.31 25.68 -8.48
N PHE A 104 0.86 24.52 -8.98
CA PHE A 104 1.13 24.14 -10.36
C PHE A 104 -0.04 24.32 -11.30
N HIS A 105 0.23 24.72 -12.56
CA HIS A 105 -0.79 24.63 -13.59
C HIS A 105 -1.00 23.21 -14.11
N ILE A 106 0.09 22.42 -14.13
CA ILE A 106 0.08 21.07 -14.65
C ILE A 106 0.83 20.13 -13.74
N VAL A 107 0.27 18.95 -13.50
CA VAL A 107 1.02 17.86 -12.91
C VAL A 107 1.06 16.79 -13.97
N THR A 108 2.25 16.31 -14.28
CA THR A 108 2.43 15.16 -15.16
C THR A 108 3.00 13.96 -14.43
N CYS A 109 2.62 12.78 -14.90
CA CYS A 109 3.13 11.54 -14.35
C CYS A 109 3.00 10.42 -15.39
N ARG A 110 4.13 9.95 -15.90
CA ARG A 110 4.18 9.06 -17.02
C ARG A 110 4.94 7.76 -16.68
N ILE A 111 4.29 6.62 -16.96
CA ILE A 111 4.83 5.27 -16.79
C ILE A 111 5.47 5.02 -15.42
N ALA A 112 4.83 5.54 -14.38
CA ALA A 112 5.41 5.54 -13.06
C ALA A 112 4.42 5.13 -11.99
N ALA A 113 3.14 5.40 -12.20
CA ALA A 113 2.17 5.25 -11.12
C ALA A 113 1.98 3.79 -10.70
N HIS A 114 2.22 2.89 -11.64
CA HIS A 114 2.16 1.47 -11.34
C HIS A 114 3.24 0.99 -10.33
N HIS A 115 4.23 1.82 -10.00
CA HIS A 115 5.17 1.56 -8.91
C HIS A 115 4.74 2.09 -7.52
N PHE A 116 3.84 3.06 -7.51
CA PHE A 116 3.39 3.68 -6.28
C PHE A 116 2.64 2.71 -5.41
N PRO A 117 3.02 2.59 -4.14
CA PRO A 117 2.30 1.68 -3.28
C PRO A 117 0.89 2.18 -2.89
N ASN A 118 0.68 3.49 -2.88
CA ASN A 118 -0.61 4.07 -2.53
C ASN A 118 -1.03 5.15 -3.50
N PRO A 119 -1.39 4.76 -4.72
CA PRO A 119 -1.57 5.77 -5.73
C PRO A 119 -2.75 6.72 -5.51
N ALA A 120 -3.80 6.30 -4.79
CA ALA A 120 -4.82 7.27 -4.35
C ALA A 120 -4.21 8.52 -3.63
N SER A 121 -3.17 8.35 -2.81
CA SER A 121 -2.55 9.50 -2.15
C SER A 121 -1.82 10.38 -3.09
N PHE A 122 -1.21 9.79 -4.13
CA PHE A 122 -0.61 10.60 -5.15
C PHE A 122 -1.71 11.44 -5.85
N VAL A 123 -2.85 10.81 -6.17
CA VAL A 123 -3.89 11.53 -6.85
C VAL A 123 -4.40 12.69 -6.02
N SER A 124 -4.61 12.52 -4.72
CA SER A 124 -5.09 13.61 -3.89
C SER A 124 -4.05 14.67 -3.71
N GLU A 125 -2.79 14.27 -3.62
CA GLU A 125 -1.71 15.24 -3.56
C GLU A 125 -1.59 16.00 -4.86
N ALA A 126 -1.76 15.33 -6.00
CA ALA A 126 -1.79 16.03 -7.29
C ALA A 126 -2.91 17.08 -7.32
N TYR A 127 -4.11 16.71 -6.86
CA TYR A 127 -5.25 17.63 -6.74
C TYR A 127 -4.91 18.84 -5.87
N ARG A 128 -4.24 18.58 -4.75
CA ARG A 128 -3.94 19.63 -3.78
C ARG A 128 -2.95 20.66 -4.33
N VAL A 129 -1.94 20.19 -5.05
CA VAL A 129 -0.84 21.11 -5.43
C VAL A 129 -1.18 21.82 -6.75
N LEU A 130 -2.23 21.35 -7.42
CA LEU A 130 -2.74 22.05 -8.60
C LEU A 130 -3.48 23.34 -8.29
N LYS A 131 -3.20 24.35 -9.10
CA LYS A 131 -4.11 25.49 -9.17
C LYS A 131 -5.55 25.10 -9.60
N LYS A 132 -6.52 25.92 -9.20
CA LYS A 132 -7.88 25.74 -9.70
C LYS A 132 -7.83 25.95 -11.17
N GLY A 133 -8.50 25.07 -11.91
CA GLY A 133 -8.45 25.05 -13.37
C GLY A 133 -7.21 24.35 -13.93
N GLY A 134 -6.33 23.87 -13.06
CA GLY A 134 -5.13 23.17 -13.52
C GLY A 134 -5.43 21.77 -13.98
N GLN A 135 -4.45 21.10 -14.59
CA GLN A 135 -4.73 19.77 -15.11
C GLN A 135 -3.70 18.72 -14.68
N LEU A 136 -4.19 17.49 -14.53
CA LEU A 136 -3.34 16.32 -14.33
C LEU A 136 -3.30 15.57 -15.66
N LEU A 137 -2.10 15.24 -16.10
CA LEU A 137 -1.84 14.43 -17.26
C LEU A 137 -1.17 13.16 -16.78
N LEU A 138 -1.88 12.03 -16.85
CA LEU A 138 -1.41 10.77 -16.32
C LEU A 138 -1.37 9.71 -17.39
N VAL A 139 -0.22 9.06 -17.52
CA VAL A 139 0.05 8.06 -18.54
C VAL A 139 0.60 6.82 -17.82
N ASP A 140 -0.01 5.67 -18.09
CA ASP A 140 0.44 4.43 -17.52
C ASP A 140 -0.14 3.27 -18.28
N ASN A 141 0.42 2.10 -18.00
CA ASN A 141 -0.17 0.83 -18.46
C ASN A 141 -1.35 0.53 -17.62
N SER A 142 -2.31 -0.15 -18.26
CA SER A 142 -3.62 -0.40 -17.69
C SER A 142 -3.97 -1.86 -17.77
N ALA A 143 -4.78 -2.33 -16.83
CA ALA A 143 -5.25 -3.70 -16.77
C ALA A 143 -6.67 -3.80 -17.32
N PRO A 144 -7.00 -4.93 -17.95
CA PRO A 144 -8.38 -5.21 -18.39
C PRO A 144 -9.39 -5.12 -17.26
N GLU A 145 -10.60 -4.83 -17.64
CA GLU A 145 -11.68 -4.87 -16.71
C GLU A 145 -11.93 -6.30 -16.25
N ASN A 146 -11.72 -7.25 -17.15
CA ASN A 146 -11.88 -8.68 -16.82
C ASN A 146 -10.86 -9.06 -15.73
N ASP A 147 -11.32 -9.62 -14.60
CA ASP A 147 -10.44 -9.83 -13.44
C ASP A 147 -9.35 -10.85 -13.66
N ALA A 148 -9.68 -11.93 -14.38
CA ALA A 148 -8.70 -12.97 -14.66
C ALA A 148 -7.56 -12.43 -15.50
N PHE A 149 -7.90 -11.60 -16.49
CA PHE A 149 -6.90 -10.98 -17.35
C PHE A 149 -6.12 -9.87 -16.68
N ASP A 150 -6.80 -9.15 -15.81
CA ASP A 150 -6.19 -8.19 -14.92
C ASP A 150 -5.10 -8.83 -14.05
N VAL A 151 -5.51 -9.85 -13.31
CA VAL A 151 -4.62 -10.52 -12.40
C VAL A 151 -3.40 -11.13 -13.14
N PHE A 152 -3.66 -11.69 -14.31
CA PHE A 152 -2.65 -12.36 -15.09
C PHE A 152 -1.64 -11.37 -15.63
N TYR A 153 -2.15 -10.26 -16.19
CA TYR A 153 -1.33 -9.21 -16.77
C TYR A 153 -0.43 -8.68 -15.68
N ASN A 154 -0.99 -8.38 -14.52
CA ASN A 154 -0.22 -7.84 -13.45
C ASN A 154 0.80 -8.87 -12.88
N TYR A 155 0.41 -10.13 -12.76
CA TYR A 155 1.36 -11.18 -12.29
C TYR A 155 2.59 -11.23 -13.21
N VAL A 156 2.33 -11.22 -14.50
CA VAL A 156 3.40 -11.19 -15.50
C VAL A 156 4.31 -9.96 -15.43
N GLU A 157 3.71 -8.79 -15.24
CA GLU A 157 4.47 -7.56 -15.09
C GLU A 157 5.43 -7.61 -13.88
N LYS A 158 4.92 -8.17 -12.79
CA LYS A 158 5.70 -8.28 -11.59
C LYS A 158 6.82 -9.33 -11.61
N GLU A 159 6.60 -10.43 -12.31
CA GLU A 159 7.69 -11.39 -12.52
C GLU A 159 8.82 -10.75 -13.25
N ARG A 160 8.53 -9.91 -14.21
CA ARG A 160 9.52 -9.24 -15.00
C ARG A 160 10.18 -8.03 -14.28
N ASP A 161 9.43 -7.33 -13.43
CA ASP A 161 9.90 -6.17 -12.67
C ASP A 161 9.41 -6.26 -11.25
N TYR A 162 10.26 -6.76 -10.37
CA TYR A 162 9.95 -6.97 -8.97
C TYR A 162 9.43 -5.72 -8.30
N SER A 163 9.81 -4.55 -8.79
CA SER A 163 9.30 -3.29 -8.21
C SER A 163 7.93 -2.83 -8.75
N HIS A 164 7.32 -3.60 -9.66
CA HIS A 164 5.97 -3.34 -10.14
C HIS A 164 4.99 -3.53 -8.98
N HIS A 165 4.14 -2.53 -8.73
CA HIS A 165 3.03 -2.74 -7.81
C HIS A 165 1.76 -3.18 -8.53
N ARG A 166 1.17 -2.26 -9.30
CA ARG A 166 -0.09 -2.58 -9.96
C ARG A 166 -0.38 -1.64 -11.09
N ALA A 167 -0.72 -2.24 -12.22
CA ALA A 167 -1.37 -1.57 -13.33
C ALA A 167 -2.86 -1.68 -13.09
N TRP A 168 -3.51 -0.54 -12.86
CA TRP A 168 -4.87 -0.50 -12.42
C TRP A 168 -5.79 -0.53 -13.64
N LYS A 169 -7.03 -0.98 -13.41
CA LYS A 169 -8.08 -0.92 -14.44
C LYS A 169 -8.36 0.53 -14.76
N LYS A 170 -8.77 0.78 -16.00
CA LYS A 170 -9.31 2.05 -16.37
C LYS A 170 -10.43 2.50 -15.43
N SER A 171 -11.31 1.59 -15.00
CA SER A 171 -12.36 1.91 -14.04
C SER A 171 -11.80 2.28 -12.67
N ASP A 172 -10.65 1.70 -12.30
CA ASP A 172 -10.01 2.01 -11.03
C ASP A 172 -9.55 3.45 -11.07
N TRP A 173 -8.93 3.87 -12.17
CA TRP A 173 -8.49 5.25 -12.33
C TRP A 173 -9.66 6.25 -12.35
N LEU A 174 -10.75 5.92 -13.02
CA LEU A 174 -11.91 6.77 -13.00
C LEU A 174 -12.43 7.02 -11.60
N LYS A 175 -12.54 5.95 -10.81
CA LYS A 175 -12.93 6.08 -9.40
C LYS A 175 -11.92 6.90 -8.57
N MSE A 176 -10.63 6.62 -8.67
CA MSE A 176 -9.63 7.44 -7.98
C MSE A 176 -9.69 8.90 -8.34
O MSE A 176 -9.56 9.76 -7.47
CB MSE A 176 -8.20 6.89 -8.19
CG MSE A 176 -7.97 5.62 -7.36
SE MSE A 176 -6.09 5.00 -7.43
CE MSE A 176 -6.27 3.88 -9.05
N LEU A 177 -9.89 9.22 -9.62
CA LEU A 177 -9.94 10.62 -10.03
C LEU A 177 -11.15 11.29 -9.48
N GLU A 178 -12.30 10.67 -9.61
CA GLU A 178 -13.51 11.31 -9.09
C GLU A 178 -13.41 11.48 -7.58
N GLU A 179 -12.97 10.45 -6.89
CA GLU A 179 -12.90 10.48 -5.42
C GLU A 179 -12.05 11.64 -4.94
N ALA A 180 -11.04 12.01 -5.70
CA ALA A 180 -10.16 13.12 -5.36
C ALA A 180 -10.72 14.49 -5.77
N GLY A 181 -11.74 14.50 -6.63
CA GLY A 181 -12.34 15.75 -7.07
C GLY A 181 -12.00 16.16 -8.45
N PHE A 182 -11.22 15.36 -9.19
CA PHE A 182 -10.85 15.72 -10.54
C PHE A 182 -12.06 15.47 -11.44
N GLU A 183 -12.15 16.26 -12.51
CA GLU A 183 -13.12 15.97 -13.58
C GLU A 183 -12.35 15.58 -14.83
N LEU A 184 -12.44 14.33 -15.18
CA LEU A 184 -11.86 13.79 -16.38
C LEU A 184 -12.40 14.57 -17.58
N GLU A 185 -11.49 14.93 -18.46
CA GLU A 185 -11.84 15.55 -19.74
C GLU A 185 -11.64 14.55 -20.87
N GLU A 186 -10.51 13.83 -20.90
CA GLU A 186 -10.16 12.94 -21.97
C GLU A 186 -9.41 11.73 -21.47
N LEU A 187 -9.78 10.59 -22.00
CA LEU A 187 -9.12 9.29 -21.79
C LEU A 187 -8.80 8.70 -23.17
N HIS A 188 -7.53 8.49 -23.48
CA HIS A 188 -7.07 7.90 -24.75
C HIS A 188 -6.41 6.57 -24.41
N CYS A 189 -6.76 5.52 -25.13
CA CYS A 189 -6.24 4.16 -24.89
C CYS A 189 -5.40 3.76 -26.03
N PHE A 190 -4.31 3.04 -25.75
CA PHE A 190 -3.39 2.58 -26.78
C PHE A 190 -3.00 1.15 -26.52
N HIS A 191 -2.53 0.47 -27.53
CA HIS A 191 -1.99 -0.89 -27.37
C HIS A 191 -0.59 -0.99 -27.96
N LYS A 192 0.30 -1.73 -27.32
CA LYS A 192 1.66 -1.91 -27.79
C LYS A 192 2.00 -3.39 -27.78
N THR A 193 2.75 -3.80 -28.80
CA THR A 193 3.32 -5.12 -28.92
C THR A 193 4.72 -5.09 -28.29
N PHE A 194 4.85 -5.88 -27.24
CA PHE A 194 6.13 -6.09 -26.57
C PHE A 194 6.81 -7.30 -27.13
N ILE A 195 8.10 -7.15 -27.45
CA ILE A 195 8.98 -8.22 -27.84
C ILE A 195 9.53 -8.84 -26.54
N PHE A 196 9.11 -10.06 -26.22
CA PHE A 196 9.35 -10.65 -24.91
C PHE A 196 10.77 -10.64 -24.45
N GLU A 197 11.69 -10.94 -25.35
CA GLU A 197 13.11 -11.02 -25.00
C GLU A 197 13.67 -9.65 -24.68
N ASP A 198 13.31 -8.68 -25.49
CA ASP A 198 13.79 -7.30 -25.32
C ASP A 198 13.22 -6.66 -24.05
N TRP A 199 11.92 -6.86 -23.86
CA TRP A 199 11.18 -6.39 -22.69
C TRP A 199 11.79 -6.95 -21.43
N CYS A 200 12.15 -8.21 -21.46
CA CYS A 200 12.79 -8.87 -20.32
C CYS A 200 14.18 -8.35 -20.08
N ASP A 201 14.93 -8.17 -21.17
CA ASP A 201 16.29 -7.75 -21.08
C ASP A 201 16.46 -6.32 -20.58
N ARG A 202 15.46 -5.48 -20.77
CA ARG A 202 15.45 -4.14 -20.19
C ARG A 202 15.45 -4.17 -18.67
N MSE A 203 14.85 -5.21 -18.08
CA MSE A 203 14.93 -5.40 -16.64
C MSE A 203 16.05 -6.33 -16.21
O MSE A 203 16.08 -6.73 -15.05
CB MSE A 203 13.61 -5.93 -16.05
CG MSE A 203 12.52 -4.91 -15.94
SE MSE A 203 13.05 -3.34 -14.91
CE MSE A 203 13.96 -4.22 -13.34
N ASN A 204 16.96 -6.69 -17.10
CA ASN A 204 18.07 -7.61 -16.75
C ASN A 204 17.58 -8.92 -16.09
N VAL A 205 16.51 -9.46 -16.63
CA VAL A 205 15.96 -10.73 -16.13
C VAL A 205 16.93 -11.84 -16.51
N THR A 206 17.10 -12.84 -15.65
CA THR A 206 18.01 -13.94 -15.91
C THR A 206 17.49 -14.80 -17.02
N THR A 207 18.37 -15.49 -17.72
CA THR A 207 17.91 -16.43 -18.75
C THR A 207 16.94 -17.49 -18.13
N GLU A 208 17.22 -17.93 -16.90
CA GLU A 208 16.35 -18.89 -16.22
C GLU A 208 14.98 -18.34 -15.91
N LYS A 209 14.94 -17.11 -15.39
CA LYS A 209 13.69 -16.47 -15.08
C LYS A 209 12.87 -16.20 -16.36
N LYS A 210 13.57 -15.89 -17.46
CA LYS A 210 12.88 -15.65 -18.73
C LYS A 210 12.25 -16.95 -19.20
N GLN A 211 12.94 -18.07 -19.00
CA GLN A 211 12.39 -19.35 -19.41
C GLN A 211 11.16 -19.70 -18.57
N GLU A 212 11.25 -19.39 -17.28
CA GLU A 212 10.19 -19.73 -16.35
C GLU A 212 8.94 -18.92 -16.72
N LEU A 213 9.15 -17.64 -16.99
CA LEU A 213 8.02 -16.75 -17.27
C LEU A 213 7.36 -17.12 -18.62
N SER A 214 8.18 -17.40 -19.63
CA SER A 214 7.66 -17.85 -20.92
C SER A 214 6.85 -19.17 -20.76
N ASP A 215 7.42 -20.13 -20.05
CA ASP A 215 6.77 -21.40 -19.77
C ASP A 215 5.43 -21.18 -19.08
N PHE A 216 5.40 -20.26 -18.11
CA PHE A 216 4.14 -19.94 -17.41
C PHE A 216 3.06 -19.33 -18.36
N ILE A 217 3.47 -18.37 -19.17
CA ILE A 217 2.57 -17.79 -20.14
C ILE A 217 2.12 -18.82 -21.22
N LYS A 218 3.05 -19.63 -21.72
CA LYS A 218 2.76 -20.51 -22.85
C LYS A 218 1.66 -21.55 -22.51
N SER A 219 1.58 -21.92 -21.23
CA SER A 219 0.67 -23.00 -20.81
C SER A 219 -0.74 -22.53 -20.57
N LYS A 220 -0.97 -21.23 -20.64
CA LYS A 220 -2.29 -20.70 -20.41
C LYS A 220 -3.25 -21.10 -21.52
N PRO A 221 -4.55 -21.15 -21.21
CA PRO A 221 -5.49 -21.52 -22.26
C PRO A 221 -5.66 -20.45 -23.35
N THR A 222 -6.33 -20.88 -24.40
CA THR A 222 -6.51 -20.11 -25.62
C THR A 222 -7.04 -18.68 -25.36
N GLU A 223 -8.02 -18.54 -24.47
CA GLU A 223 -8.60 -17.22 -24.21
C GLU A 223 -7.55 -16.21 -23.85
N TYR A 224 -6.48 -16.66 -23.15
CA TYR A 224 -5.41 -15.75 -22.69
C TYR A 224 -4.56 -15.33 -23.91
N TYR A 225 -4.31 -16.26 -24.80
CA TYR A 225 -3.54 -15.95 -26.02
C TYR A 225 -4.31 -15.01 -26.88
N GLN A 226 -5.63 -15.19 -26.94
CA GLN A 226 -6.46 -14.33 -27.77
C GLN A 226 -6.50 -12.92 -27.18
N LYS A 227 -6.69 -12.81 -25.86
CA LYS A 227 -6.74 -11.51 -25.19
C LYS A 227 -5.47 -10.70 -25.44
N PHE A 228 -4.31 -11.34 -25.21
CA PHE A 228 -3.01 -10.64 -25.24
C PHE A 228 -2.22 -10.85 -26.53
N LYS A 229 -2.89 -11.39 -27.53
CA LYS A 229 -2.28 -11.64 -28.87
C LYS A 229 -0.91 -12.27 -28.74
N ILE A 230 -0.84 -13.30 -27.90
CA ILE A 230 0.43 -13.97 -27.58
C ILE A 230 0.94 -14.69 -28.83
N VAL A 231 2.20 -14.44 -29.20
CA VAL A 231 2.91 -15.21 -30.25
C VAL A 231 3.94 -16.08 -29.58
N VAL A 232 3.86 -17.39 -29.79
CA VAL A 232 4.91 -18.37 -29.39
C VAL A 232 5.68 -18.83 -30.64
N GLU A 233 7.00 -18.67 -30.61
CA GLU A 233 7.88 -19.23 -31.66
C GLU A 233 8.83 -20.26 -31.06
N ASP A 234 8.74 -21.47 -31.63
CA ASP A 234 9.54 -22.60 -31.26
C ASP A 234 9.46 -22.89 -29.76
N GLY A 235 8.29 -22.68 -29.16
CA GLY A 235 8.11 -23.00 -27.77
C GLY A 235 8.43 -21.88 -26.79
N ARG A 236 8.81 -20.72 -27.31
CA ARG A 236 9.06 -19.57 -26.45
C ARG A 236 8.15 -18.43 -26.80
N VAL A 237 7.69 -17.69 -25.80
CA VAL A 237 6.90 -16.48 -26.04
C VAL A 237 7.78 -15.47 -26.78
N TYR A 238 7.31 -15.00 -27.95
CA TYR A 238 8.01 -14.04 -28.78
C TYR A 238 7.50 -12.63 -28.52
N SER A 239 6.17 -12.44 -28.49
CA SER A 239 5.53 -11.11 -28.25
C SER A 239 4.15 -11.25 -27.56
N PHE A 240 3.68 -10.18 -26.94
CA PHE A 240 2.33 -10.08 -26.45
C PHE A 240 1.98 -8.59 -26.55
N ARG A 241 0.70 -8.32 -26.41
CA ARG A 241 0.18 -6.96 -26.59
C ARG A 241 -0.41 -6.52 -25.28
N GLY A 242 -0.03 -5.32 -24.86
CA GLY A 242 -0.60 -4.67 -23.69
C GLY A 242 -1.33 -3.37 -24.04
N GLU A 243 -2.09 -2.88 -23.06
CA GLU A 243 -2.77 -1.58 -23.11
C GLU A 243 -2.09 -0.49 -22.22
N SER A 244 -2.16 0.77 -22.69
CA SER A 244 -1.87 1.90 -21.85
C SER A 244 -2.87 3.00 -22.09
N ILE A 245 -2.83 3.95 -21.18
CA ILE A 245 -3.71 5.09 -21.22
C ILE A 245 -3.03 6.41 -20.98
N LEU A 246 -3.74 7.44 -21.44
CA LEU A 246 -3.40 8.83 -21.22
C LEU A 246 -4.69 9.53 -20.80
N MSE A 247 -4.68 10.07 -19.57
CA MSE A 247 -5.77 10.85 -19.04
C MSE A 247 -5.42 12.33 -18.79
O MSE A 247 -4.30 12.65 -18.35
CB MSE A 247 -6.30 10.17 -17.77
CG MSE A 247 -6.80 8.78 -18.01
SE MSE A 247 -7.13 7.86 -16.30
CE MSE A 247 -5.30 7.63 -15.92
N LYS A 248 -6.33 13.21 -19.21
CA LYS A 248 -6.31 14.63 -18.94
C LYS A 248 -7.50 14.87 -18.03
N ALA A 249 -7.22 15.21 -16.78
CA ALA A 249 -8.25 15.44 -15.77
C ALA A 249 -8.11 16.88 -15.23
N ARG A 250 -9.22 17.59 -15.10
CA ARG A 250 -9.25 18.98 -14.63
C ARG A 250 -9.54 19.09 -13.15
N LYS A 251 -8.74 19.90 -12.45
CA LYS A 251 -9.14 20.45 -11.15
C LYS A 251 -10.07 21.66 -11.43
N PRO A 252 -11.33 21.56 -11.02
CA PRO A 252 -12.31 22.58 -11.40
C PRO A 252 -12.00 24.01 -10.98
N THR A 253 -12.42 24.96 -11.82
CA THR A 253 -12.28 26.40 -11.50
C THR A 253 -13.32 26.78 -10.47
N GLY B 23 -4.41 -31.75 10.28
CA GLY B 23 -3.78 -30.80 9.37
C GLY B 23 -2.41 -31.28 8.91
N SER B 24 -1.80 -30.51 8.03
CA SER B 24 -0.47 -30.82 7.49
C SER B 24 0.50 -30.36 8.55
N ASP B 25 0.66 -31.14 9.61
CA ASP B 25 1.52 -30.73 10.74
C ASP B 25 2.74 -31.63 10.80
N LEU B 26 3.61 -31.41 11.78
CA LEU B 26 4.80 -32.24 11.90
C LEU B 26 4.50 -33.68 12.22
N ALA B 27 3.49 -33.93 13.05
CA ALA B 27 3.08 -35.27 13.36
C ALA B 27 2.71 -36.04 12.12
N LYS B 28 1.96 -35.43 11.23
CA LYS B 28 1.59 -36.09 9.97
C LYS B 28 2.81 -36.42 9.10
N LEU B 29 3.74 -35.47 9.03
CA LEU B 29 5.00 -35.65 8.31
C LEU B 29 5.78 -36.85 8.87
N MSE B 30 5.81 -36.97 10.19
CA MSE B 30 6.61 -37.99 10.86
C MSE B 30 5.94 -39.36 10.58
O MSE B 30 6.61 -40.37 10.37
CB MSE B 30 6.62 -37.75 12.37
CG MSE B 30 7.42 -36.51 12.87
SE MSE B 30 9.25 -36.57 12.25
CE MSE B 30 9.86 -38.15 13.31
N GLN B 31 4.64 -39.38 10.58
CA GLN B 31 3.92 -40.65 10.34
C GLN B 31 4.12 -41.13 8.91
N ILE B 32 4.00 -40.21 7.94
CA ILE B 32 4.13 -40.57 6.52
C ILE B 32 5.56 -41.01 6.23
N ALA B 33 6.51 -40.40 6.95
CA ALA B 33 7.94 -40.68 6.77
C ALA B 33 8.31 -42.14 7.02
N ALA B 34 7.60 -42.75 7.97
CA ALA B 34 7.76 -44.16 8.25
C ALA B 34 9.22 -44.55 8.55
N LEU B 35 9.81 -43.86 9.51
CA LEU B 35 11.23 -44.00 9.84
C LEU B 35 11.60 -45.38 10.32
N LYS B 36 12.83 -45.77 9.98
CA LYS B 36 13.49 -47.00 10.40
C LYS B 36 14.50 -46.81 11.53
N GLY B 37 15.10 -45.62 11.64
CA GLY B 37 15.99 -45.30 12.76
C GLY B 37 17.44 -45.16 12.39
N ASN B 38 17.78 -45.52 11.16
CA ASN B 38 19.15 -45.49 10.69
C ASN B 38 19.44 -44.36 9.71
N GLU B 39 18.48 -43.45 9.49
CA GLU B 39 18.53 -42.55 8.34
C GLU B 39 19.47 -41.37 8.60
N GLU B 40 20.20 -40.96 7.55
CA GLU B 40 20.79 -39.66 7.49
C GLU B 40 19.82 -38.77 6.68
N VAL B 41 19.42 -37.67 7.28
CA VAL B 41 18.35 -36.86 6.80
C VAL B 41 18.88 -35.47 6.48
N LEU B 42 18.47 -34.93 5.33
CA LEU B 42 18.78 -33.57 4.97
C LEU B 42 17.50 -32.73 5.05
N ASP B 43 17.50 -31.72 5.91
CA ASP B 43 16.38 -30.77 6.06
C ASP B 43 16.72 -29.48 5.28
N VAL B 44 16.04 -29.32 4.14
CA VAL B 44 16.34 -28.26 3.20
C VAL B 44 15.54 -27.06 3.59
N ALA B 45 16.25 -25.92 3.70
CA ALA B 45 15.67 -24.64 4.10
C ALA B 45 15.10 -24.79 5.52
N THR B 46 15.96 -25.20 6.43
CA THR B 46 15.53 -25.64 7.73
C THR B 46 14.83 -24.53 8.54
N GLY B 47 15.17 -23.28 8.24
CA GLY B 47 14.52 -22.12 8.84
C GLY B 47 14.77 -22.12 10.34
N GLY B 48 13.69 -22.10 11.12
CA GLY B 48 13.74 -22.22 12.57
C GLY B 48 14.23 -23.56 13.10
N GLY B 49 14.31 -24.55 12.22
CA GLY B 49 14.84 -25.88 12.53
C GLY B 49 13.82 -26.86 13.10
N HIS B 50 12.54 -26.58 12.90
CA HIS B 50 11.51 -27.42 13.52
C HIS B 50 11.44 -28.83 12.94
N VAL B 51 11.69 -28.98 11.64
CA VAL B 51 11.63 -30.30 11.05
C VAL B 51 12.82 -31.14 11.53
N ALA B 52 14.01 -30.58 11.43
CA ALA B 52 15.20 -31.30 11.89
C ALA B 52 15.04 -31.67 13.35
N ASN B 53 14.52 -30.73 14.12
CA ASN B 53 14.28 -30.95 15.51
C ASN B 53 13.41 -32.18 15.71
N ALA B 54 12.40 -32.29 14.86
CA ALA B 54 11.36 -33.28 15.03
C ALA B 54 11.86 -34.67 14.69
N PHE B 55 12.71 -34.77 13.68
CA PHE B 55 13.28 -36.05 13.21
C PHE B 55 14.43 -36.56 14.06
N ALA B 56 15.25 -35.62 14.53
CA ALA B 56 16.57 -35.97 15.13
C ALA B 56 16.60 -37.15 16.14
N PRO B 57 15.66 -37.19 17.09
CA PRO B 57 15.66 -38.31 18.06
C PRO B 57 15.43 -39.69 17.43
N PHE B 58 14.93 -39.74 16.21
CA PHE B 58 14.43 -40.99 15.59
C PHE B 58 15.18 -41.45 14.34
N VAL B 59 16.30 -40.78 14.06
CA VAL B 59 17.14 -41.06 12.93
C VAL B 59 18.60 -41.01 13.45
N LYS B 60 19.59 -41.34 12.60
CA LYS B 60 21.00 -41.32 12.96
C LYS B 60 21.61 -39.92 13.00
N LYS B 61 21.41 -39.17 11.92
CA LYS B 61 22.05 -37.87 11.75
C LYS B 61 21.11 -36.99 10.94
N VAL B 62 21.13 -35.71 11.21
CA VAL B 62 20.40 -34.73 10.41
C VAL B 62 21.38 -33.64 9.97
N VAL B 63 21.21 -33.17 8.75
CA VAL B 63 21.90 -31.98 8.26
C VAL B 63 20.84 -30.93 8.10
N ALA B 64 21.02 -29.79 8.79
CA ALA B 64 20.04 -28.69 8.78
C ALA B 64 20.71 -27.67 7.89
N PHE B 65 20.04 -27.33 6.78
CA PHE B 65 20.64 -26.65 5.61
C PHE B 65 19.81 -25.42 5.28
N ASP B 66 20.46 -24.27 5.16
CA ASP B 66 19.75 -23.09 4.72
C ASP B 66 20.75 -22.06 4.18
N LEU B 67 20.24 -20.92 3.73
CA LEU B 67 21.03 -19.94 2.94
C LEU B 67 22.04 -19.10 3.68
N THR B 68 21.79 -18.85 4.97
CA THR B 68 22.61 -17.89 5.68
C THR B 68 22.93 -18.40 7.07
N GLU B 69 24.06 -17.92 7.57
CA GLU B 69 24.55 -18.24 8.92
C GLU B 69 23.59 -17.73 9.98
N ASP B 70 22.89 -16.61 9.71
CA ASP B 70 21.96 -16.02 10.68
C ASP B 70 20.80 -16.97 10.92
N ILE B 71 20.31 -17.56 9.85
CA ILE B 71 19.24 -18.54 9.97
C ILE B 71 19.76 -19.75 10.71
N LEU B 72 20.95 -20.23 10.34
CA LEU B 72 21.51 -21.45 10.92
C LEU B 72 21.87 -21.31 12.42
N LYS B 73 22.23 -20.10 12.84
CA LYS B 73 22.40 -19.80 14.28
C LYS B 73 21.07 -20.01 15.03
N VAL B 74 19.97 -19.52 14.47
CA VAL B 74 18.68 -19.67 15.11
C VAL B 74 18.26 -21.12 15.17
N ALA B 75 18.43 -21.84 14.06
CA ALA B 75 18.08 -23.26 14.02
C ALA B 75 18.90 -24.05 15.06
N ARG B 76 20.20 -23.80 15.13
CA ARG B 76 21.09 -24.54 16.04
C ARG B 76 20.73 -24.26 17.49
N ALA B 77 20.40 -23.01 17.79
CA ALA B 77 20.04 -22.68 19.16
C ALA B 77 18.83 -23.50 19.56
N PHE B 78 17.86 -23.61 18.67
CA PHE B 78 16.66 -24.44 18.94
C PHE B 78 17.01 -25.94 19.04
N ILE B 79 17.61 -26.46 17.98
CA ILE B 79 17.92 -27.90 17.86
C ILE B 79 18.90 -28.38 18.91
N GLU B 80 20.05 -27.73 18.98
CA GLU B 80 21.07 -28.01 19.98
C GLU B 80 20.55 -27.79 21.39
N GLY B 81 19.82 -26.67 21.57
CA GLY B 81 19.16 -26.40 22.84
C GLY B 81 18.23 -27.54 23.25
N ASN B 82 17.75 -28.36 22.31
CA ASN B 82 16.83 -29.50 22.64
C ASN B 82 17.62 -30.81 22.77
N GLY B 83 18.95 -30.68 22.74
CA GLY B 83 19.86 -31.76 23.04
C GLY B 83 20.08 -32.77 21.94
N HIS B 84 19.80 -32.37 20.71
CA HIS B 84 20.00 -33.24 19.56
C HIS B 84 21.41 -32.92 19.05
N GLN B 85 22.34 -33.82 19.37
CA GLN B 85 23.73 -33.59 19.14
C GLN B 85 24.22 -34.13 17.79
N GLN B 86 23.51 -35.06 17.16
CA GLN B 86 23.90 -35.54 15.83
C GLN B 86 23.31 -34.72 14.65
N VAL B 87 23.57 -33.41 14.69
CA VAL B 87 23.13 -32.47 13.68
C VAL B 87 24.28 -31.60 13.20
N GLU B 88 24.43 -31.54 11.89
CA GLU B 88 25.45 -30.74 11.20
C GLU B 88 24.70 -29.59 10.58
N TYR B 89 25.30 -28.41 10.59
CA TYR B 89 24.65 -27.18 10.11
C TYR B 89 25.40 -26.73 8.87
N VAL B 90 24.70 -26.64 7.75
CA VAL B 90 25.39 -26.39 6.48
C VAL B 90 24.77 -25.22 5.74
N GLN B 91 25.60 -24.29 5.26
CA GLN B 91 25.07 -23.14 4.49
C GLN B 91 25.09 -23.46 3.01
N GLY B 92 23.99 -23.16 2.34
CA GLY B 92 23.96 -23.30 0.91
C GLY B 92 22.59 -23.07 0.34
N ASP B 93 22.53 -23.25 -0.97
CA ASP B 93 21.32 -23.09 -1.79
C ASP B 93 20.76 -24.44 -2.19
N ALA B 94 19.45 -24.62 -2.01
CA ALA B 94 18.76 -25.85 -2.35
C ALA B 94 18.92 -26.20 -3.81
N GLU B 95 19.20 -25.22 -4.64
CA GLU B 95 19.35 -25.39 -6.09
C GLU B 95 20.74 -25.79 -6.53
N GLN B 96 21.69 -25.80 -5.61
CA GLN B 96 23.07 -26.18 -5.93
C GLN B 96 23.66 -26.64 -4.64
N MSE B 97 23.35 -27.87 -4.24
N MSE B 97 23.35 -27.88 -4.25
CA MSE B 97 23.67 -28.35 -2.88
CA MSE B 97 23.71 -28.41 -2.93
C MSE B 97 25.08 -28.93 -2.83
C MSE B 97 25.14 -28.89 -2.87
O MSE B 97 25.54 -29.59 -3.77
O MSE B 97 25.67 -29.45 -3.85
CB MSE B 97 22.64 -29.38 -2.41
CB MSE B 97 22.82 -29.59 -2.54
CG MSE B 97 21.21 -28.98 -2.65
CG MSE B 97 21.37 -29.27 -2.37
SE MSE B 97 20.01 -29.41 -1.16
SE MSE B 97 20.25 -30.86 -2.01
CE MSE B 97 18.56 -30.39 -2.10
CE MSE B 97 20.99 -31.89 -3.08
N PRO B 98 25.80 -28.67 -1.73
CA PRO B 98 27.22 -29.05 -1.62
C PRO B 98 27.44 -30.46 -1.09
N PHE B 99 26.54 -31.39 -1.36
CA PHE B 99 26.68 -32.74 -0.87
C PHE B 99 27.04 -33.63 -2.03
N THR B 100 27.55 -34.80 -1.70
CA THR B 100 27.89 -35.84 -2.67
C THR B 100 26.64 -36.64 -3.01
N ASP B 101 26.68 -37.31 -4.17
CA ASP B 101 25.56 -38.07 -4.65
C ASP B 101 25.33 -39.16 -3.66
N GLU B 102 24.07 -39.52 -3.46
CA GLU B 102 23.68 -40.74 -2.74
C GLU B 102 24.16 -40.75 -1.29
N ARG B 103 24.02 -39.61 -0.64
CA ARG B 103 24.40 -39.43 0.74
C ARG B 103 23.21 -39.64 1.69
N PHE B 104 22.02 -39.20 1.32
CA PHE B 104 20.93 -39.18 2.29
C PHE B 104 19.87 -40.24 2.05
N HIS B 105 19.31 -40.78 3.13
CA HIS B 105 18.11 -41.62 3.07
C HIS B 105 16.83 -40.85 2.89
N ILE B 106 16.83 -39.61 3.37
CA ILE B 106 15.68 -38.74 3.37
C ILE B 106 16.13 -37.28 3.12
N VAL B 107 15.36 -36.59 2.29
CA VAL B 107 15.39 -35.17 2.15
C VAL B 107 14.01 -34.65 2.51
N THR B 108 13.95 -33.64 3.36
CA THR B 108 12.70 -33.04 3.83
C THR B 108 12.76 -31.59 3.46
N CYS B 109 11.59 -31.05 3.13
CA CYS B 109 11.51 -29.64 2.73
C CYS B 109 10.12 -29.15 3.04
N ARG B 110 10.00 -28.29 4.05
CA ARG B 110 8.69 -27.95 4.60
C ARG B 110 8.46 -26.48 4.59
N ILE B 111 7.32 -26.09 3.98
CA ILE B 111 6.84 -24.69 3.83
C ILE B 111 7.87 -23.70 3.34
N ALA B 112 8.65 -24.12 2.33
CA ALA B 112 9.79 -23.34 1.89
C ALA B 112 9.96 -23.29 0.37
N ALA B 113 9.51 -24.35 -0.30
CA ALA B 113 9.77 -24.42 -1.74
C ALA B 113 9.16 -23.22 -2.50
N HIS B 114 8.03 -22.72 -2.01
CA HIS B 114 7.40 -21.58 -2.67
C HIS B 114 8.25 -20.31 -2.67
N HIS B 115 9.35 -20.24 -1.92
CA HIS B 115 10.32 -19.16 -2.08
C HIS B 115 11.46 -19.46 -3.07
N PHE B 116 11.62 -20.70 -3.51
CA PHE B 116 12.75 -21.04 -4.37
C PHE B 116 12.55 -20.49 -5.78
N PRO B 117 13.50 -19.74 -6.32
CA PRO B 117 13.32 -19.29 -7.71
C PRO B 117 13.35 -20.36 -8.78
N ASN B 118 14.00 -21.50 -8.53
CA ASN B 118 14.09 -22.55 -9.56
C ASN B 118 13.80 -23.91 -8.92
N PRO B 119 12.56 -24.13 -8.52
CA PRO B 119 12.29 -25.32 -7.73
C PRO B 119 12.70 -26.63 -8.44
N ALA B 120 12.61 -26.67 -9.75
CA ALA B 120 12.98 -27.92 -10.42
C ALA B 120 14.44 -28.31 -10.15
N SER B 121 15.33 -27.32 -9.98
CA SER B 121 16.73 -27.58 -9.63
C SER B 121 16.92 -28.09 -8.24
N PHE B 122 16.10 -27.60 -7.34
CA PHE B 122 16.02 -28.20 -6.04
C PHE B 122 15.62 -29.67 -6.20
N VAL B 123 14.61 -29.93 -7.01
CA VAL B 123 14.06 -31.29 -7.08
C VAL B 123 15.13 -32.23 -7.62
N SER B 124 15.90 -31.78 -8.60
CA SER B 124 16.93 -32.60 -9.20
C SER B 124 18.14 -32.74 -8.26
N GLU B 125 18.52 -31.67 -7.58
CA GLU B 125 19.48 -31.78 -6.52
C GLU B 125 19.06 -32.79 -5.41
N ALA B 126 17.82 -32.71 -4.93
CA ALA B 126 17.29 -33.68 -3.94
C ALA B 126 17.44 -35.13 -4.44
N TYR B 127 17.15 -35.33 -5.72
CA TYR B 127 17.23 -36.63 -6.31
C TYR B 127 18.63 -37.17 -6.30
N ARG B 128 19.55 -36.32 -6.69
CA ARG B 128 20.96 -36.63 -6.75
C ARG B 128 21.57 -36.97 -5.42
N VAL B 129 21.27 -36.19 -4.39
CA VAL B 129 21.85 -36.44 -3.06
C VAL B 129 21.20 -37.58 -2.28
N LEU B 130 20.10 -38.10 -2.80
CA LEU B 130 19.46 -39.23 -2.17
C LEU B 130 20.11 -40.51 -2.58
N LYS B 131 20.21 -41.41 -1.63
CA LYS B 131 20.51 -42.79 -1.91
C LYS B 131 19.40 -43.43 -2.74
N LYS B 132 19.74 -44.51 -3.43
CA LYS B 132 18.77 -45.31 -4.17
C LYS B 132 17.85 -45.90 -3.11
N GLY B 133 16.55 -45.83 -3.34
CA GLY B 133 15.55 -46.22 -2.36
C GLY B 133 15.19 -45.19 -1.30
N GLY B 134 15.83 -44.03 -1.33
CA GLY B 134 15.54 -42.93 -0.42
C GLY B 134 14.32 -42.13 -0.82
N GLN B 135 13.89 -41.25 0.09
CA GLN B 135 12.63 -40.52 -0.09
C GLN B 135 12.79 -39.02 0.07
N LEU B 136 12.00 -38.34 -0.74
CA LEU B 136 11.76 -36.93 -0.59
C LEU B 136 10.39 -36.74 0.05
N LEU B 137 10.39 -35.96 1.14
CA LEU B 137 9.18 -35.54 1.82
C LEU B 137 9.03 -34.03 1.66
N LEU B 138 8.01 -33.62 0.91
CA LEU B 138 7.88 -32.21 0.54
C LEU B 138 6.54 -31.70 1.01
N VAL B 139 6.59 -30.55 1.69
CA VAL B 139 5.36 -29.94 2.22
C VAL B 139 5.35 -28.51 1.81
N ASP B 140 4.21 -28.09 1.26
CA ASP B 140 4.02 -26.73 0.84
C ASP B 140 2.55 -26.40 0.55
N ASN B 141 2.32 -25.09 0.51
CA ASN B 141 1.05 -24.55 0.06
C ASN B 141 0.97 -24.79 -1.43
N SER B 142 -0.24 -25.06 -1.92
CA SER B 142 -0.46 -25.43 -3.32
C SER B 142 -1.53 -24.53 -3.96
N ALA B 143 -1.44 -24.43 -5.28
CA ALA B 143 -2.41 -23.62 -6.05
C ALA B 143 -3.42 -24.50 -6.78
N PRO B 144 -4.63 -23.97 -6.98
CA PRO B 144 -5.68 -24.65 -7.75
C PRO B 144 -5.24 -25.01 -9.16
N GLU B 145 -5.80 -26.07 -9.70
CA GLU B 145 -5.57 -26.35 -11.13
C GLU B 145 -6.11 -25.26 -12.01
N ASN B 146 -7.29 -24.74 -11.66
CA ASN B 146 -7.92 -23.63 -12.37
C ASN B 146 -6.96 -22.46 -12.47
N ASP B 147 -6.74 -21.94 -13.65
CA ASP B 147 -5.68 -20.96 -13.86
C ASP B 147 -5.99 -19.63 -13.22
N ALA B 148 -7.27 -19.25 -13.22
CA ALA B 148 -7.62 -17.96 -12.68
C ALA B 148 -7.45 -18.00 -11.17
N PHE B 149 -7.84 -19.10 -10.54
CA PHE B 149 -7.71 -19.21 -9.09
C PHE B 149 -6.25 -19.37 -8.65
N ASP B 150 -5.45 -20.03 -9.48
CA ASP B 150 -4.04 -20.18 -9.28
C ASP B 150 -3.39 -18.81 -9.23
N VAL B 151 -3.58 -18.04 -10.27
CA VAL B 151 -2.92 -16.77 -10.40
C VAL B 151 -3.39 -15.77 -9.33
N PHE B 152 -4.67 -15.84 -9.00
CA PHE B 152 -5.25 -15.04 -7.93
C PHE B 152 -4.63 -15.37 -6.56
N TYR B 153 -4.67 -16.65 -6.19
CA TYR B 153 -4.05 -17.14 -4.96
C TYR B 153 -2.60 -16.63 -4.85
N ASN B 154 -1.81 -16.86 -5.88
CA ASN B 154 -0.40 -16.51 -5.85
C ASN B 154 -0.17 -15.02 -5.78
N TYR B 155 -1.04 -14.26 -6.45
CA TYR B 155 -0.96 -12.81 -6.39
C TYR B 155 -1.16 -12.32 -4.99
N VAL B 156 -2.22 -12.80 -4.34
CA VAL B 156 -2.50 -12.53 -2.93
C VAL B 156 -1.37 -12.92 -1.97
N GLU B 157 -0.82 -14.11 -2.15
CA GLU B 157 0.36 -14.53 -1.35
C GLU B 157 1.56 -13.56 -1.44
N LYS B 158 1.82 -13.09 -2.64
CA LYS B 158 2.96 -12.26 -2.90
C LYS B 158 2.73 -10.80 -2.43
N GLU B 159 1.50 -10.31 -2.51
CA GLU B 159 1.20 -9.05 -1.84
C GLU B 159 1.49 -9.09 -0.37
N ARG B 160 1.11 -10.19 0.30
CA ARG B 160 1.39 -10.34 1.71
C ARG B 160 2.87 -10.61 2.02
N ASP B 161 3.57 -11.33 1.15
CA ASP B 161 4.99 -11.64 1.35
C ASP B 161 5.77 -11.52 0.05
N TYR B 162 6.50 -10.43 -0.03
CA TYR B 162 7.20 -10.04 -1.24
C TYR B 162 8.22 -11.11 -1.65
N SER B 163 8.77 -11.82 -0.66
CA SER B 163 9.69 -12.95 -0.94
C SER B 163 9.03 -14.24 -1.53
N HIS B 164 7.72 -14.26 -1.64
CA HIS B 164 7.00 -15.45 -2.18
C HIS B 164 7.20 -15.54 -3.68
N HIS B 165 7.53 -16.71 -4.19
CA HIS B 165 7.74 -16.86 -5.61
C HIS B 165 6.50 -17.50 -6.19
N ARG B 166 6.24 -18.73 -5.81
CA ARG B 166 5.07 -19.40 -6.39
C ARG B 166 4.70 -20.60 -5.57
N ALA B 167 3.41 -20.72 -5.30
CA ALA B 167 2.82 -21.96 -4.86
C ALA B 167 2.37 -22.66 -6.13
N TRP B 168 2.97 -23.81 -6.39
CA TRP B 168 2.78 -24.48 -7.65
C TRP B 168 1.52 -25.29 -7.61
N LYS B 169 1.00 -25.61 -8.77
CA LYS B 169 -0.12 -26.55 -8.82
C LYS B 169 0.29 -27.97 -8.36
N LYS B 170 -0.64 -28.76 -7.80
CA LYS B 170 -0.39 -30.16 -7.60
C LYS B 170 0.11 -30.85 -8.89
N SER B 171 -0.46 -30.53 -10.02
CA SER B 171 -0.02 -31.07 -11.29
C SER B 171 1.41 -30.67 -11.66
N ASP B 172 1.77 -29.43 -11.36
CA ASP B 172 3.15 -28.93 -11.54
C ASP B 172 4.17 -29.77 -10.76
N TRP B 173 3.89 -30.06 -9.48
CA TRP B 173 4.74 -30.94 -8.67
C TRP B 173 4.80 -32.38 -9.23
N LEU B 174 3.67 -32.92 -9.67
CA LEU B 174 3.67 -34.22 -10.33
C LEU B 174 4.64 -34.26 -11.47
N LYS B 175 4.61 -33.22 -12.31
CA LYS B 175 5.50 -33.13 -13.47
C LYS B 175 6.96 -32.93 -13.08
N MSE B 176 7.26 -31.94 -12.23
CA MSE B 176 8.62 -31.80 -11.74
C MSE B 176 9.18 -33.05 -11.10
O MSE B 176 10.36 -33.36 -11.34
CB MSE B 176 8.75 -30.62 -10.78
CG MSE B 176 8.46 -29.27 -11.40
SE MSE B 176 8.94 -27.81 -10.14
CE MSE B 176 7.26 -27.59 -9.29
N LEU B 177 8.41 -33.76 -10.26
CA LEU B 177 8.91 -35.00 -9.66
C LEU B 177 9.25 -36.06 -10.68
N GLU B 178 8.31 -36.32 -11.61
CA GLU B 178 8.53 -37.31 -12.65
C GLU B 178 9.74 -36.95 -13.53
N GLU B 179 9.87 -35.71 -13.93
CA GLU B 179 10.98 -35.28 -14.78
C GLU B 179 12.35 -35.47 -14.11
N ALA B 180 12.36 -35.43 -12.79
CA ALA B 180 13.59 -35.60 -12.03
C ALA B 180 13.94 -37.07 -11.79
N GLY B 181 12.98 -37.95 -12.04
CA GLY B 181 13.16 -39.37 -11.84
C GLY B 181 12.50 -39.90 -10.58
N PHE B 182 11.84 -39.04 -9.80
CA PHE B 182 11.08 -39.52 -8.62
C PHE B 182 9.83 -40.34 -8.99
N GLU B 183 9.49 -41.34 -8.14
CA GLU B 183 8.20 -41.99 -8.25
C GLU B 183 7.39 -41.63 -7.01
N LEU B 184 6.35 -40.84 -7.23
CA LEU B 184 5.42 -40.51 -6.14
C LEU B 184 4.86 -41.74 -5.51
N GLU B 185 4.78 -41.72 -4.18
CA GLU B 185 4.10 -42.76 -3.46
C GLU B 185 2.79 -42.25 -2.87
N GLU B 186 2.80 -41.10 -2.19
CA GLU B 186 1.60 -40.57 -1.53
C GLU B 186 1.57 -39.07 -1.68
N LEU B 187 0.38 -38.56 -1.97
CA LEU B 187 0.07 -37.15 -1.94
C LEU B 187 -1.14 -36.96 -1.03
N HIS B 188 -0.93 -36.14 0.00
CA HIS B 188 -1.97 -35.81 0.98
C HIS B 188 -2.28 -34.34 0.84
N CYS B 189 -3.57 -33.98 0.83
CA CYS B 189 -4.00 -32.59 0.61
C CYS B 189 -4.76 -32.15 1.81
N PHE B 190 -4.56 -30.90 2.19
CA PHE B 190 -5.17 -30.31 3.39
C PHE B 190 -5.70 -28.93 3.08
N HIS B 191 -6.68 -28.50 3.87
CA HIS B 191 -7.18 -27.10 3.82
C HIS B 191 -7.09 -26.44 5.15
N LYS B 192 -6.72 -25.16 5.15
CA LYS B 192 -6.61 -24.35 6.35
C LYS B 192 -7.38 -23.04 6.13
N THR B 193 -8.17 -22.63 7.13
CA THR B 193 -8.75 -21.30 7.15
C THR B 193 -7.72 -20.30 7.71
N PHE B 194 -7.42 -19.27 6.95
CA PHE B 194 -6.53 -18.17 7.35
C PHE B 194 -7.30 -16.97 7.83
N ILE B 195 -6.93 -16.44 8.99
CA ILE B 195 -7.56 -15.26 9.53
C ILE B 195 -6.75 -14.10 9.01
N PHE B 196 -7.37 -13.26 8.13
CA PHE B 196 -6.64 -12.31 7.27
C PHE B 196 -5.75 -11.37 8.02
N GLU B 197 -6.24 -10.84 9.13
CA GLU B 197 -5.48 -9.86 9.92
C GLU B 197 -4.25 -10.50 10.57
N ASP B 198 -4.45 -11.66 11.18
CA ASP B 198 -3.35 -12.38 11.83
C ASP B 198 -2.32 -12.80 10.79
N TRP B 199 -2.81 -13.27 9.67
CA TRP B 199 -1.96 -13.77 8.59
C TRP B 199 -1.09 -12.64 8.01
N CYS B 200 -1.70 -11.48 7.82
CA CYS B 200 -0.99 -10.27 7.36
C CYS B 200 -0.01 -9.74 8.39
N ASP B 201 -0.44 -9.70 9.64
CA ASP B 201 0.43 -9.25 10.72
C ASP B 201 1.70 -10.11 10.89
N ARG B 202 1.57 -11.41 10.67
CA ARG B 202 2.68 -12.30 10.74
C ARG B 202 3.81 -11.82 9.84
N MSE B 203 3.48 -11.06 8.80
CA MSE B 203 4.46 -10.51 7.87
C MSE B 203 4.67 -9.02 8.08
O MSE B 203 5.31 -8.37 7.24
CB MSE B 203 4.05 -10.76 6.42
CG MSE B 203 4.25 -12.18 5.92
SE MSE B 203 6.17 -12.69 5.92
CE MSE B 203 6.98 -11.07 5.14
N ASN B 204 4.16 -8.46 9.16
CA ASN B 204 4.31 -7.02 9.41
C ASN B 204 3.78 -6.14 8.27
N VAL B 205 2.69 -6.57 7.66
CA VAL B 205 2.09 -5.81 6.58
C VAL B 205 1.56 -4.50 7.18
N THR B 206 1.74 -3.41 6.45
CA THR B 206 1.32 -2.08 6.91
C THR B 206 -0.20 -1.96 6.91
N THR B 207 -0.69 -1.06 7.75
CA THR B 207 -2.14 -0.82 7.83
C THR B 207 -2.74 -0.49 6.44
N GLU B 208 -2.05 0.36 5.69
CA GLU B 208 -2.52 0.75 4.35
C GLU B 208 -2.55 -0.44 3.43
N LYS B 209 -1.50 -1.26 3.49
CA LYS B 209 -1.37 -2.40 2.61
C LYS B 209 -2.43 -3.46 2.90
N LYS B 210 -2.75 -3.67 4.17
CA LYS B 210 -3.81 -4.59 4.54
C LYS B 210 -5.12 -4.15 3.94
N GLN B 211 -5.38 -2.85 4.00
CA GLN B 211 -6.63 -2.31 3.49
C GLN B 211 -6.70 -2.50 1.96
N GLU B 212 -5.60 -2.16 1.28
CA GLU B 212 -5.46 -2.33 -0.18
C GLU B 212 -5.73 -3.76 -0.60
N LEU B 213 -5.08 -4.69 0.08
CA LEU B 213 -5.24 -6.09 -0.31
C LEU B 213 -6.65 -6.59 0.00
N SER B 214 -7.17 -6.19 1.16
CA SER B 214 -8.55 -6.52 1.47
C SER B 214 -9.52 -5.99 0.36
N ASP B 215 -9.33 -4.74 -0.03
CA ASP B 215 -10.15 -4.05 -1.09
C ASP B 215 -10.06 -4.78 -2.44
N PHE B 216 -8.88 -5.31 -2.71
CA PHE B 216 -8.61 -6.02 -3.97
C PHE B 216 -9.36 -7.34 -4.00
N ILE B 217 -9.29 -8.07 -2.89
CA ILE B 217 -9.99 -9.32 -2.74
C ILE B 217 -11.51 -9.10 -2.79
N LYS B 218 -11.98 -8.14 -1.97
CA LYS B 218 -13.42 -7.85 -1.74
C LYS B 218 -14.15 -7.63 -3.06
N SER B 219 -13.51 -6.96 -4.03
CA SER B 219 -14.17 -6.58 -5.31
C SER B 219 -14.27 -7.72 -6.32
N LYS B 220 -13.74 -8.89 -5.97
CA LYS B 220 -13.74 -9.99 -6.89
C LYS B 220 -15.12 -10.63 -6.97
N PRO B 221 -15.41 -11.24 -8.13
CA PRO B 221 -16.66 -11.88 -8.39
C PRO B 221 -16.90 -13.04 -7.46
N THR B 222 -18.17 -13.39 -7.33
CA THR B 222 -18.66 -14.46 -6.46
C THR B 222 -17.85 -15.76 -6.52
N GLU B 223 -17.46 -16.14 -7.73
CA GLU B 223 -16.81 -17.42 -7.92
C GLU B 223 -15.50 -17.44 -7.16
N TYR B 224 -14.86 -16.30 -7.00
CA TYR B 224 -13.63 -16.26 -6.21
C TYR B 224 -13.93 -16.45 -4.72
N TYR B 225 -15.02 -15.85 -4.23
CA TYR B 225 -15.47 -16.02 -2.84
C TYR B 225 -15.81 -17.47 -2.57
N GLN B 226 -16.45 -18.10 -3.52
CA GLN B 226 -16.92 -19.50 -3.30
C GLN B 226 -15.72 -20.45 -3.28
N LYS B 227 -14.81 -20.26 -4.21
CA LYS B 227 -13.59 -21.06 -4.24
C LYS B 227 -12.79 -21.04 -2.92
N PHE B 228 -12.46 -19.83 -2.49
CA PHE B 228 -11.66 -19.59 -1.33
C PHE B 228 -12.45 -19.31 -0.03
N LYS B 229 -13.74 -19.55 -0.07
CA LYS B 229 -14.58 -19.47 1.13
C LYS B 229 -14.35 -18.12 1.84
N ILE B 230 -14.31 -17.07 1.05
CA ILE B 230 -14.01 -15.75 1.54
C ILE B 230 -15.18 -15.26 2.41
N VAL B 231 -14.79 -14.75 3.57
CA VAL B 231 -15.66 -14.09 4.52
C VAL B 231 -15.24 -12.64 4.62
N VAL B 232 -16.17 -11.71 4.41
CA VAL B 232 -15.98 -10.28 4.67
C VAL B 232 -16.93 -9.84 5.76
N GLU B 233 -16.38 -9.11 6.74
CA GLU B 233 -17.13 -8.53 7.84
C GLU B 233 -16.90 -7.02 7.85
N ASP B 234 -18.00 -6.28 7.79
CA ASP B 234 -17.94 -4.83 7.79
C ASP B 234 -17.03 -4.24 6.73
N GLY B 235 -16.94 -4.91 5.61
CA GLY B 235 -16.18 -4.42 4.48
C GLY B 235 -14.72 -4.81 4.45
N ARG B 236 -14.31 -5.65 5.38
CA ARG B 236 -12.94 -6.16 5.39
C ARG B 236 -12.92 -7.65 5.29
N VAL B 237 -11.93 -8.18 4.57
CA VAL B 237 -11.70 -9.61 4.51
C VAL B 237 -11.30 -10.04 5.89
N TYR B 238 -12.02 -11.05 6.39
CA TYR B 238 -11.81 -11.60 7.70
C TYR B 238 -11.03 -12.88 7.63
N SER B 239 -11.46 -13.80 6.74
CA SER B 239 -10.84 -15.12 6.53
C SER B 239 -10.97 -15.63 5.11
N PHE B 240 -10.06 -16.52 4.75
CA PHE B 240 -10.13 -17.28 3.50
C PHE B 240 -9.51 -18.64 3.71
N ARG B 241 -9.74 -19.51 2.75
CA ARG B 241 -9.32 -20.89 2.87
C ARG B 241 -8.32 -21.25 1.78
N GLY B 242 -7.19 -21.82 2.19
CA GLY B 242 -6.16 -22.30 1.27
C GLY B 242 -5.91 -23.79 1.37
N GLU B 243 -5.09 -24.29 0.46
CA GLU B 243 -4.73 -25.71 0.40
C GLU B 243 -3.24 -25.87 0.61
N SER B 244 -2.87 -26.99 1.21
CA SER B 244 -1.47 -27.38 1.29
C SER B 244 -1.38 -28.86 0.99
N ILE B 245 -0.16 -29.30 0.71
CA ILE B 245 0.07 -30.70 0.38
C ILE B 245 1.28 -31.27 1.10
N LEU B 246 1.26 -32.58 1.18
CA LEU B 246 2.39 -33.37 1.69
C LEU B 246 2.64 -34.47 0.72
N MSE B 247 3.85 -34.52 0.18
CA MSE B 247 4.15 -35.56 -0.77
C MSE B 247 5.36 -36.36 -0.29
O MSE B 247 6.31 -35.81 0.27
CB MSE B 247 4.42 -34.93 -2.14
CG MSE B 247 3.21 -34.30 -2.83
SE MSE B 247 3.92 -33.24 -4.39
CE MSE B 247 4.88 -31.90 -3.44
N LYS B 248 5.22 -37.66 -0.47
CA LYS B 248 6.24 -38.68 -0.25
C LYS B 248 6.60 -39.28 -1.62
N ALA B 249 7.81 -38.98 -2.10
CA ALA B 249 8.34 -39.47 -3.38
C ALA B 249 9.60 -40.30 -3.18
N ARG B 250 9.67 -41.41 -3.91
CA ARG B 250 10.75 -42.36 -3.88
C ARG B 250 11.73 -42.16 -5.02
N LYS B 251 13.03 -42.17 -4.68
CA LYS B 251 14.13 -42.41 -5.66
C LYS B 251 14.24 -43.92 -5.84
N PRO B 252 13.94 -44.44 -7.05
CA PRO B 252 13.88 -45.88 -7.21
C PRO B 252 15.17 -46.65 -6.85
N THR B 253 14.98 -47.78 -6.19
CA THR B 253 16.09 -48.73 -5.85
C THR B 253 16.66 -49.40 -7.11
N GLY C 23 -19.19 21.67 -26.90
CA GLY C 23 -19.86 20.60 -26.10
C GLY C 23 -19.94 19.31 -26.89
N SER C 24 -20.70 18.34 -26.39
CA SER C 24 -20.87 17.09 -27.12
C SER C 24 -21.91 17.39 -28.18
N ASP C 25 -21.43 17.98 -29.28
CA ASP C 25 -22.29 18.37 -30.38
C ASP C 25 -21.89 17.60 -31.64
N LEU C 26 -22.59 17.84 -32.74
CA LEU C 26 -22.32 17.09 -33.95
C LEU C 26 -20.92 17.38 -34.50
N ALA C 27 -20.44 18.60 -34.34
CA ALA C 27 -19.12 18.96 -34.86
C ALA C 27 -18.00 18.19 -34.17
N LYS C 28 -18.04 18.07 -32.86
CA LYS C 28 -17.03 17.35 -32.12
C LYS C 28 -17.07 15.83 -32.40
N LEU C 29 -18.27 15.32 -32.54
CA LEU C 29 -18.46 13.93 -32.89
C LEU C 29 -17.85 13.61 -34.25
N MSE C 30 -18.10 14.47 -35.23
CA MSE C 30 -17.54 14.28 -36.55
C MSE C 30 -16.04 14.35 -36.56
O MSE C 30 -15.41 13.53 -37.24
CB MSE C 30 -18.11 15.30 -37.49
CG MSE C 30 -19.55 15.00 -37.76
SE MSE C 30 -20.08 15.81 -39.44
CE MSE C 30 -18.46 15.39 -40.67
N GLN C 31 -15.47 15.26 -35.79
CA GLN C 31 -14.01 15.42 -35.75
C GLN C 31 -13.35 14.14 -35.26
N ILE C 32 -13.81 13.66 -34.11
CA ILE C 32 -13.35 12.41 -33.48
C ILE C 32 -13.59 11.18 -34.34
N ALA C 33 -14.66 11.20 -35.14
CA ALA C 33 -14.95 10.14 -36.11
C ALA C 33 -13.89 9.92 -37.14
N ALA C 34 -13.20 10.98 -37.55
CA ALA C 34 -12.16 10.83 -38.54
C ALA C 34 -12.68 10.13 -39.84
N LEU C 35 -13.71 10.72 -40.44
CA LEU C 35 -14.40 10.08 -41.53
C LEU C 35 -13.51 10.05 -42.74
N LYS C 36 -13.61 8.96 -43.49
CA LYS C 36 -12.78 8.73 -44.70
C LYS C 36 -13.53 8.95 -46.03
N GLY C 37 -14.85 8.82 -46.02
CA GLY C 37 -15.69 9.14 -47.16
C GLY C 37 -16.38 7.91 -47.70
N ASN C 38 -15.86 6.74 -47.35
CA ASN C 38 -16.34 5.48 -47.90
C ASN C 38 -17.34 4.73 -47.02
N GLU C 39 -17.75 5.34 -45.90
CA GLU C 39 -18.41 4.61 -44.84
C GLU C 39 -19.90 4.37 -45.05
N GLU C 40 -20.28 3.13 -44.72
CA GLU C 40 -21.64 2.75 -44.47
C GLU C 40 -21.88 2.99 -42.99
N VAL C 41 -22.80 3.91 -42.69
CA VAL C 41 -23.07 4.33 -41.30
C VAL C 41 -24.46 3.88 -40.85
N LEU C 42 -24.53 3.37 -39.64
CA LEU C 42 -25.79 3.05 -38.98
C LEU C 42 -25.96 4.06 -37.86
N ASP C 43 -26.98 4.92 -37.99
CA ASP C 43 -27.23 6.01 -37.04
C ASP C 43 -28.39 5.71 -36.17
N VAL C 44 -28.12 5.20 -34.98
CA VAL C 44 -29.15 4.89 -34.03
C VAL C 44 -29.42 6.12 -33.12
N ALA C 45 -30.61 6.67 -33.19
CA ALA C 45 -30.92 7.80 -32.33
C ALA C 45 -32.38 7.85 -32.06
N THR C 46 -32.77 8.88 -31.31
CA THR C 46 -34.16 9.33 -31.35
C THR C 46 -34.22 10.60 -32.19
N GLY C 47 -35.36 10.82 -32.86
CA GLY C 47 -35.51 11.96 -33.75
C GLY C 47 -34.94 13.19 -33.05
N GLY C 48 -34.00 13.86 -33.71
CA GLY C 48 -33.37 15.06 -33.12
C GLY C 48 -31.91 14.84 -32.77
N GLY C 49 -31.56 13.63 -32.33
CA GLY C 49 -30.16 13.28 -32.01
C GLY C 49 -29.42 12.59 -33.14
N HIS C 50 -30.07 12.49 -34.32
CA HIS C 50 -29.50 11.77 -35.45
C HIS C 50 -28.36 12.60 -36.09
N VAL C 51 -27.35 11.91 -36.56
CA VAL C 51 -26.23 12.50 -37.18
C VAL C 51 -26.37 12.34 -38.66
N ALA C 52 -27.47 11.72 -39.10
CA ALA C 52 -27.63 11.41 -40.52
C ALA C 52 -27.44 12.61 -41.46
N ASN C 53 -28.17 13.71 -41.21
CA ASN C 53 -28.01 14.89 -42.02
C ASN C 53 -26.58 15.42 -41.95
N ALA C 54 -25.97 15.32 -40.78
CA ALA C 54 -24.63 15.83 -40.56
C ALA C 54 -23.59 14.98 -41.27
N PHE C 55 -23.73 13.67 -41.15
CA PHE C 55 -22.74 12.72 -41.70
C PHE C 55 -22.85 12.53 -43.20
N ALA C 56 -24.08 12.63 -43.71
CA ALA C 56 -24.39 12.21 -45.10
C ALA C 56 -23.46 12.73 -46.19
N PRO C 57 -23.14 14.02 -46.15
CA PRO C 57 -22.22 14.53 -47.15
C PRO C 57 -20.81 13.94 -47.12
N PHE C 58 -20.43 13.34 -45.99
CA PHE C 58 -19.05 12.91 -45.78
C PHE C 58 -18.85 11.41 -45.71
N VAL C 59 -19.88 10.65 -46.04
CA VAL C 59 -19.81 9.19 -46.00
C VAL C 59 -20.50 8.59 -47.24
N LYS C 60 -20.23 7.31 -47.53
CA LYS C 60 -21.01 6.66 -48.59
C LYS C 60 -22.55 6.62 -48.38
N LYS C 61 -23.02 6.12 -47.25
CA LYS C 61 -24.45 5.91 -47.07
C LYS C 61 -24.76 5.83 -45.59
N VAL C 62 -25.91 6.35 -45.20
CA VAL C 62 -26.30 6.36 -43.80
C VAL C 62 -27.67 5.67 -43.73
N VAL C 63 -27.80 4.77 -42.78
CA VAL C 63 -29.07 4.18 -42.38
C VAL C 63 -29.43 4.84 -41.06
N ALA C 64 -30.48 5.66 -41.08
CA ALA C 64 -30.96 6.31 -39.88
C ALA C 64 -32.01 5.43 -39.26
N PHE C 65 -31.70 4.95 -38.07
CA PHE C 65 -32.43 3.91 -37.39
C PHE C 65 -33.02 4.56 -36.16
N ASP C 66 -34.34 4.49 -36.01
CA ASP C 66 -34.99 5.14 -34.86
C ASP C 66 -35.82 4.16 -34.07
N LEU C 67 -36.08 4.47 -32.78
CA LEU C 67 -37.49 4.26 -32.28
C LEU C 67 -38.30 5.51 -31.97
N GLN C 86 -30.12 9.84 -50.38
CA GLN C 86 -29.37 8.63 -50.16
C GLN C 86 -29.73 8.03 -48.78
N VAL C 87 -30.02 8.86 -47.75
CA VAL C 87 -30.31 8.33 -46.39
C VAL C 87 -31.51 7.39 -46.37
N GLU C 88 -31.31 6.20 -45.82
CA GLU C 88 -32.39 5.22 -45.68
C GLU C 88 -32.90 5.23 -44.24
N TYR C 89 -34.21 5.34 -44.08
CA TYR C 89 -34.82 5.48 -42.77
C TYR C 89 -35.43 4.15 -42.33
N VAL C 90 -35.13 3.76 -41.09
CA VAL C 90 -35.61 2.47 -40.54
C VAL C 90 -36.08 2.70 -39.11
N GLN C 91 -37.18 2.06 -38.73
CA GLN C 91 -37.57 2.03 -37.34
C GLN C 91 -37.34 0.63 -36.80
N GLY C 92 -36.82 0.55 -35.58
CA GLY C 92 -36.75 -0.76 -34.98
C GLY C 92 -36.29 -0.80 -33.54
N ASP C 93 -35.66 -1.89 -33.18
CA ASP C 93 -35.19 -2.16 -31.80
C ASP C 93 -33.71 -2.35 -31.81
N ALA C 94 -33.01 -1.40 -31.20
CA ALA C 94 -31.54 -1.35 -31.14
C ALA C 94 -30.95 -2.57 -30.46
N GLU C 95 -31.75 -3.31 -29.70
CA GLU C 95 -31.24 -4.51 -29.00
C GLU C 95 -31.29 -5.80 -29.88
N GLN C 96 -32.04 -5.78 -30.97
CA GLN C 96 -32.05 -6.84 -31.99
C GLN C 96 -32.38 -6.26 -33.37
N MSE C 97 -31.32 -6.03 -34.11
CA MSE C 97 -31.35 -5.31 -35.42
C MSE C 97 -30.85 -6.28 -36.46
O MSE C 97 -29.62 -6.46 -36.55
CB MSE C 97 -30.39 -4.13 -35.39
CG MSE C 97 -30.68 -3.17 -34.34
SE MSE C 97 -29.54 -1.62 -34.46
CE MSE C 97 -27.87 -2.47 -33.84
N PRO C 98 -31.74 -6.87 -37.26
CA PRO C 98 -31.40 -8.00 -38.13
C PRO C 98 -30.58 -7.68 -39.40
N PHE C 99 -29.71 -6.70 -39.28
CA PHE C 99 -28.78 -6.44 -40.34
C PHE C 99 -27.78 -7.60 -40.33
N THR C 100 -27.03 -7.71 -41.42
CA THR C 100 -26.06 -8.77 -41.53
C THR C 100 -24.80 -8.43 -40.77
N ASP C 101 -24.01 -9.45 -40.43
CA ASP C 101 -22.77 -9.26 -39.72
C ASP C 101 -21.89 -8.42 -40.64
N GLU C 102 -21.04 -7.58 -40.08
CA GLU C 102 -20.03 -6.83 -40.84
C GLU C 102 -20.60 -6.06 -42.00
N ARG C 103 -21.73 -5.39 -41.76
CA ARG C 103 -22.30 -4.51 -42.75
C ARG C 103 -21.78 -3.07 -42.67
N PHE C 104 -21.55 -2.55 -41.46
CA PHE C 104 -21.23 -1.13 -41.30
C PHE C 104 -19.77 -0.81 -40.94
N HIS C 105 -19.26 0.32 -41.43
CA HIS C 105 -17.99 0.85 -40.97
C HIS C 105 -18.10 1.59 -39.63
N ILE C 106 -19.28 2.16 -39.40
CA ILE C 106 -19.58 3.01 -38.26
C ILE C 106 -20.99 2.73 -37.76
N VAL C 107 -21.08 2.57 -36.45
CA VAL C 107 -22.35 2.70 -35.77
C VAL C 107 -22.28 3.88 -34.85
N THR C 108 -23.22 4.82 -34.99
CA THR C 108 -23.32 5.98 -34.07
C THR C 108 -24.58 5.79 -33.24
N CYS C 109 -24.53 6.25 -31.98
CA CYS C 109 -25.67 6.16 -31.06
C CYS C 109 -25.66 7.35 -30.12
N ARG C 110 -26.61 8.26 -30.28
CA ARG C 110 -26.56 9.56 -29.62
C ARG C 110 -27.84 9.82 -28.86
N ILE C 111 -27.67 10.03 -27.56
CA ILE C 111 -28.72 10.52 -26.71
C ILE C 111 -29.88 9.52 -26.58
N ALA C 112 -29.55 8.23 -26.68
CA ALA C 112 -30.52 7.14 -26.78
C ALA C 112 -30.31 5.99 -25.83
N ALA C 113 -29.06 5.68 -25.53
CA ALA C 113 -28.79 4.48 -24.80
C ALA C 113 -29.45 4.42 -23.43
N HIS C 114 -29.62 5.57 -22.77
CA HIS C 114 -30.26 5.63 -21.44
C HIS C 114 -31.71 5.24 -21.47
N HIS C 115 -32.26 5.03 -22.65
CA HIS C 115 -33.60 4.47 -22.76
C HIS C 115 -33.67 2.96 -22.93
N PHE C 116 -32.57 2.35 -23.31
CA PHE C 116 -32.54 0.92 -23.60
C PHE C 116 -32.68 0.08 -22.33
N PRO C 117 -33.70 -0.79 -22.25
CA PRO C 117 -33.77 -1.64 -21.06
C PRO C 117 -32.64 -2.64 -20.96
N ASN C 118 -32.02 -3.00 -22.08
CA ASN C 118 -30.89 -3.92 -22.10
C ASN C 118 -29.75 -3.43 -22.96
N PRO C 119 -29.02 -2.40 -22.49
CA PRO C 119 -28.05 -1.80 -23.37
C PRO C 119 -26.94 -2.74 -23.83
N ALA C 120 -26.61 -3.74 -23.03
CA ALA C 120 -25.57 -4.68 -23.45
C ALA C 120 -25.90 -5.44 -24.76
N SER C 121 -27.20 -5.66 -25.03
CA SER C 121 -27.63 -6.23 -26.29
C SER C 121 -27.43 -5.30 -27.44
N PHE C 122 -27.68 -4.04 -27.23
CA PHE C 122 -27.38 -3.09 -28.24
C PHE C 122 -25.85 -3.13 -28.53
N VAL C 123 -25.04 -3.13 -27.48
CA VAL C 123 -23.58 -3.11 -27.63
C VAL C 123 -23.13 -4.35 -28.39
N SER C 124 -23.68 -5.50 -28.05
CA SER C 124 -23.31 -6.71 -28.79
C SER C 124 -23.81 -6.70 -30.25
N GLU C 125 -24.98 -6.15 -30.48
CA GLU C 125 -25.49 -6.03 -31.85
C GLU C 125 -24.63 -5.08 -32.68
N ALA C 126 -24.20 -3.97 -32.05
CA ALA C 126 -23.35 -3.01 -32.72
C ALA C 126 -22.05 -3.68 -33.09
N TYR C 127 -21.43 -4.36 -32.13
CA TYR C 127 -20.26 -5.17 -32.47
C TYR C 127 -20.49 -6.13 -33.62
N ARG C 128 -21.60 -6.87 -33.60
CA ARG C 128 -21.89 -7.82 -34.64
C ARG C 128 -22.00 -7.25 -36.02
N VAL C 129 -22.73 -6.14 -36.13
CA VAL C 129 -23.02 -5.60 -37.43
C VAL C 129 -21.88 -4.71 -37.93
N LEU C 130 -20.88 -4.42 -37.11
CA LEU C 130 -19.70 -3.71 -37.58
C LEU C 130 -18.72 -4.60 -38.32
N LYS C 131 -18.10 -3.99 -39.32
CA LYS C 131 -16.99 -4.56 -40.02
C LYS C 131 -15.82 -4.64 -39.06
N LYS C 132 -14.98 -5.65 -39.26
CA LYS C 132 -13.72 -5.70 -38.57
C LYS C 132 -13.00 -4.39 -38.83
N GLY C 133 -12.45 -3.76 -37.80
CA GLY C 133 -11.83 -2.43 -37.92
C GLY C 133 -12.81 -1.24 -37.87
N GLY C 134 -14.09 -1.55 -37.75
CA GLY C 134 -15.12 -0.52 -37.67
C GLY C 134 -15.15 0.13 -36.31
N GLN C 135 -15.96 1.17 -36.16
CA GLN C 135 -16.05 1.87 -34.88
C GLN C 135 -17.46 2.14 -34.46
N LEU C 136 -17.65 2.08 -33.12
CA LEU C 136 -18.85 2.54 -32.46
C LEU C 136 -18.56 3.93 -31.85
N LEU C 137 -19.46 4.89 -32.12
CA LEU C 137 -19.41 6.24 -31.56
C LEU C 137 -20.68 6.40 -30.70
N LEU C 138 -20.51 6.41 -29.39
CA LEU C 138 -21.58 6.47 -28.45
C LEU C 138 -21.53 7.76 -27.63
N VAL C 139 -22.66 8.45 -27.60
CA VAL C 139 -22.85 9.66 -26.86
C VAL C 139 -24.07 9.47 -25.97
N ASP C 140 -23.88 9.70 -24.69
CA ASP C 140 -25.00 9.69 -23.76
C ASP C 140 -24.68 10.48 -22.48
N ASN C 141 -25.70 10.73 -21.69
CA ASN C 141 -25.55 11.27 -20.32
C ASN C 141 -24.97 10.19 -19.46
N SER C 142 -24.14 10.60 -18.51
CA SER C 142 -23.49 9.63 -17.64
C SER C 142 -23.69 9.94 -16.16
N ALA C 143 -23.55 8.89 -15.37
CA ALA C 143 -23.72 8.95 -13.93
C ALA C 143 -22.34 9.00 -13.24
N PRO C 144 -22.28 9.65 -12.06
CA PRO C 144 -21.08 9.60 -11.24
C PRO C 144 -20.69 8.21 -10.82
N GLU C 145 -19.39 8.01 -10.65
CA GLU C 145 -18.92 6.77 -10.06
C GLU C 145 -19.52 6.60 -8.65
N ASN C 146 -19.66 7.70 -7.93
CA ASN C 146 -20.12 7.68 -6.53
C ASN C 146 -21.52 7.13 -6.53
N ASP C 147 -21.79 6.05 -5.77
CA ASP C 147 -23.10 5.39 -5.83
C ASP C 147 -24.29 6.29 -5.42
N ALA C 148 -24.12 7.07 -4.36
CA ALA C 148 -25.17 7.96 -3.87
C ALA C 148 -25.61 8.93 -4.94
N PHE C 149 -24.62 9.58 -5.57
CA PHE C 149 -24.88 10.56 -6.60
C PHE C 149 -25.42 9.97 -7.88
N ASP C 150 -24.99 8.76 -8.20
CA ASP C 150 -25.55 7.97 -9.31
C ASP C 150 -27.05 7.73 -9.10
N VAL C 151 -27.41 7.19 -7.96
CA VAL C 151 -28.79 6.92 -7.62
C VAL C 151 -29.63 8.21 -7.69
N PHE C 152 -29.12 9.29 -7.09
CA PHE C 152 -29.80 10.57 -7.06
C PHE C 152 -30.00 11.13 -8.48
N TYR C 153 -28.95 11.08 -9.30
CA TYR C 153 -29.02 11.62 -10.62
C TYR C 153 -30.06 10.86 -11.43
N ASN C 154 -30.00 9.54 -11.35
CA ASN C 154 -30.88 8.73 -12.12
C ASN C 154 -32.34 8.78 -11.64
N TYR C 155 -32.55 8.99 -10.35
CA TYR C 155 -33.91 9.15 -9.80
C TYR C 155 -34.62 10.39 -10.39
N VAL C 156 -33.87 11.48 -10.39
CA VAL C 156 -34.28 12.79 -10.93
C VAL C 156 -34.55 12.69 -12.42
N GLU C 157 -33.70 12.03 -13.16
CA GLU C 157 -33.93 11.83 -14.59
C GLU C 157 -35.22 11.03 -14.87
N LYS C 158 -35.44 10.03 -14.03
CA LYS C 158 -36.60 9.16 -14.19
C LYS C 158 -37.95 9.79 -13.78
N GLU C 159 -37.92 10.58 -12.72
CA GLU C 159 -39.09 11.35 -12.33
C GLU C 159 -39.48 12.34 -13.43
N ARG C 160 -38.50 12.91 -14.10
CA ARG C 160 -38.77 13.81 -15.19
C ARG C 160 -39.23 13.10 -16.47
N ASP C 161 -38.69 11.91 -16.74
CA ASP C 161 -39.08 11.11 -17.90
C ASP C 161 -39.14 9.63 -17.55
N TYR C 162 -40.36 9.09 -17.46
CA TYR C 162 -40.51 7.71 -17.01
C TYR C 162 -39.91 6.74 -17.99
N SER C 163 -39.72 7.15 -19.25
CA SER C 163 -39.09 6.25 -20.24
C SER C 163 -37.56 6.22 -20.12
N HIS C 164 -37.01 7.00 -19.20
CA HIS C 164 -35.62 6.86 -18.79
C HIS C 164 -35.39 5.50 -18.14
N HIS C 165 -34.41 4.76 -18.61
CA HIS C 165 -34.01 3.52 -17.96
C HIS C 165 -32.83 3.75 -17.01
N ARG C 166 -31.67 4.12 -17.54
CA ARG C 166 -30.50 4.39 -16.69
C ARG C 166 -29.46 5.15 -17.45
N ALA C 167 -28.93 6.21 -16.85
CA ALA C 167 -27.69 6.82 -17.31
C ALA C 167 -26.54 6.08 -16.58
N TRP C 168 -25.75 5.33 -17.33
CA TRP C 168 -24.75 4.45 -16.74
C TRP C 168 -23.51 5.20 -16.30
N LYS C 169 -22.73 4.58 -15.40
CA LYS C 169 -21.43 5.11 -15.04
C LYS C 169 -20.48 4.99 -16.23
N LYS C 170 -19.45 5.83 -16.26
CA LYS C 170 -18.44 5.67 -17.25
C LYS C 170 -17.79 4.29 -17.13
N SER C 171 -17.53 3.86 -15.91
CA SER C 171 -16.96 2.57 -15.62
C SER C 171 -17.90 1.41 -16.10
N ASP C 172 -19.22 1.60 -16.03
CA ASP C 172 -20.22 0.63 -16.48
C ASP C 172 -20.07 0.42 -18.03
N TRP C 173 -19.91 1.53 -18.73
CA TRP C 173 -19.66 1.55 -20.19
C TRP C 173 -18.34 0.88 -20.56
N LEU C 174 -17.29 1.15 -19.82
CA LEU C 174 -16.03 0.44 -20.04
C LEU C 174 -16.21 -1.08 -19.92
N LYS C 175 -16.96 -1.55 -18.92
CA LYS C 175 -17.18 -2.97 -18.76
C LYS C 175 -18.00 -3.53 -19.91
N MSE C 176 -19.09 -2.87 -20.25
CA MSE C 176 -19.92 -3.34 -21.34
C MSE C 176 -19.17 -3.33 -22.67
O MSE C 176 -19.30 -4.30 -23.44
CB MSE C 176 -21.22 -2.53 -21.47
CG MSE C 176 -22.24 -2.76 -20.37
SE MSE C 176 -23.93 -1.81 -20.76
CE MSE C 176 -23.51 -0.08 -19.89
N LEU C 177 -18.38 -2.31 -22.95
CA LEU C 177 -17.60 -2.30 -24.20
C LEU C 177 -16.63 -3.47 -24.24
N GLU C 178 -15.90 -3.66 -23.17
CA GLU C 178 -14.89 -4.71 -23.14
C GLU C 178 -15.52 -6.11 -23.22
N GLU C 179 -16.60 -6.32 -22.48
CA GLU C 179 -17.27 -7.58 -22.52
C GLU C 179 -17.78 -7.97 -23.89
N ALA C 180 -18.11 -6.98 -24.69
CA ALA C 180 -18.61 -7.26 -26.03
C ALA C 180 -17.50 -7.47 -27.07
N GLY C 181 -16.28 -7.06 -26.75
CA GLY C 181 -15.13 -7.22 -27.65
C GLY C 181 -14.54 -5.92 -28.17
N PHE C 182 -15.16 -4.80 -27.85
CA PHE C 182 -14.66 -3.50 -28.30
C PHE C 182 -13.41 -3.11 -27.55
N GLU C 183 -12.56 -2.36 -28.22
CA GLU C 183 -11.43 -1.73 -27.60
C GLU C 183 -11.62 -0.21 -27.69
N LEU C 184 -11.84 0.42 -26.53
CA LEU C 184 -11.95 1.87 -26.43
C LEU C 184 -10.70 2.50 -26.99
N GLU C 185 -10.89 3.57 -27.77
CA GLU C 185 -9.83 4.43 -28.22
C GLU C 185 -9.87 5.75 -27.50
N GLU C 186 -11.04 6.36 -27.40
CA GLU C 186 -11.17 7.71 -26.82
C GLU C 186 -12.46 7.83 -26.06
N LEU C 187 -12.36 8.43 -24.87
CA LEU C 187 -13.50 8.85 -24.10
C LEU C 187 -13.33 10.31 -23.77
N HIS C 188 -14.36 11.07 -24.11
CA HIS C 188 -14.37 12.54 -23.90
C HIS C 188 -15.56 12.86 -23.02
N CYS C 189 -15.33 13.73 -22.04
CA CYS C 189 -16.34 14.11 -21.05
C CYS C 189 -16.70 15.59 -21.19
N PHE C 190 -17.97 15.87 -21.00
CA PHE C 190 -18.52 17.18 -21.14
C PHE C 190 -19.52 17.40 -20.01
N HIS C 191 -19.84 18.66 -19.77
CA HIS C 191 -20.83 19.11 -18.78
C HIS C 191 -21.84 20.07 -19.39
N LYS C 192 -23.12 19.92 -19.06
CA LYS C 192 -24.14 20.84 -19.56
C LYS C 192 -24.91 21.32 -18.35
N THR C 193 -25.25 22.60 -18.34
CA THR C 193 -26.13 23.19 -17.34
C THR C 193 -27.56 23.12 -17.85
N PHE C 194 -28.42 22.41 -17.13
CA PHE C 194 -29.83 22.29 -17.46
C PHE C 194 -30.65 23.34 -16.73
N ILE C 195 -31.55 24.01 -17.45
CA ILE C 195 -32.48 24.92 -16.85
C ILE C 195 -33.72 24.11 -16.45
N PHE C 196 -33.94 24.01 -15.16
CA PHE C 196 -34.90 23.06 -14.62
C PHE C 196 -36.30 23.16 -15.23
N GLU C 197 -36.83 24.37 -15.34
CA GLU C 197 -38.18 24.55 -15.82
C GLU C 197 -38.27 24.11 -17.27
N ASP C 198 -37.30 24.53 -18.08
CA ASP C 198 -37.23 24.20 -19.51
C ASP C 198 -37.10 22.71 -19.77
N TRP C 199 -36.18 22.11 -19.01
CA TRP C 199 -35.89 20.71 -19.08
C TRP C 199 -37.13 19.89 -18.74
N CYS C 200 -37.82 20.30 -17.69
CA CYS C 200 -39.09 19.66 -17.31
C CYS C 200 -40.14 19.84 -18.38
N ASP C 201 -40.30 21.08 -18.85
CA ASP C 201 -41.27 21.42 -19.89
C ASP C 201 -41.10 20.66 -21.22
N ARG C 202 -39.87 20.34 -21.58
CA ARG C 202 -39.64 19.49 -22.74
C ARG C 202 -40.34 18.15 -22.63
N MSE C 203 -40.55 17.64 -21.41
CA MSE C 203 -41.26 16.37 -21.20
C MSE C 203 -42.68 16.61 -20.71
O MSE C 203 -43.33 15.68 -20.24
CB MSE C 203 -40.54 15.49 -20.18
CG MSE C 203 -39.27 14.95 -20.66
SE MSE C 203 -39.48 13.72 -22.16
CE MSE C 203 -40.88 12.51 -21.43
N ASN C 204 -43.16 17.83 -20.85
CA ASN C 204 -44.50 18.19 -20.43
C ASN C 204 -44.83 17.66 -19.03
N VAL C 205 -43.90 17.81 -18.09
CA VAL C 205 -44.13 17.47 -16.70
C VAL C 205 -45.22 18.44 -16.16
N THR C 206 -46.18 17.89 -15.39
CA THR C 206 -47.24 18.72 -14.82
C THR C 206 -46.64 19.68 -13.82
N THR C 207 -47.33 20.78 -13.53
CA THR C 207 -46.79 21.79 -12.61
C THR C 207 -46.61 21.21 -11.18
N GLU C 208 -47.63 20.32 -10.83
CA GLU C 208 -47.57 19.61 -9.53
C GLU C 208 -46.33 18.70 -9.43
N LYS C 209 -46.07 17.94 -10.47
CA LYS C 209 -44.91 17.06 -10.49
C LYS C 209 -43.63 17.90 -10.59
N LYS C 210 -43.67 19.07 -11.24
CA LYS C 210 -42.47 19.91 -11.31
C LYS C 210 -42.13 20.43 -9.91
N GLN C 211 -43.17 20.73 -9.14
CA GLN C 211 -43.01 21.21 -7.75
C GLN C 211 -42.48 20.14 -6.83
N GLU C 212 -43.03 18.93 -6.95
CA GLU C 212 -42.60 17.82 -6.12
C GLU C 212 -41.15 17.47 -6.38
N LEU C 213 -40.73 17.53 -7.63
CA LEU C 213 -39.35 17.20 -7.96
C LEU C 213 -38.36 18.29 -7.49
N SER C 214 -38.75 19.56 -7.65
CA SER C 214 -37.95 20.68 -7.17
C SER C 214 -37.73 20.59 -5.66
N ASP C 215 -38.81 20.29 -4.94
CA ASP C 215 -38.73 20.15 -3.49
C ASP C 215 -37.79 19.02 -3.05
N PHE C 216 -37.76 17.93 -3.80
CA PHE C 216 -36.94 16.81 -3.43
C PHE C 216 -35.45 17.20 -3.65
N ILE C 217 -35.15 17.79 -4.80
CA ILE C 217 -33.82 18.23 -5.09
C ILE C 217 -33.37 19.26 -4.08
N LYS C 218 -34.19 20.26 -3.81
CA LYS C 218 -33.85 21.33 -2.87
C LYS C 218 -33.48 20.80 -1.49
N SER C 219 -34.13 19.71 -1.09
CA SER C 219 -34.03 19.16 0.26
C SER C 219 -32.76 18.37 0.52
N LYS C 220 -31.97 18.12 -0.52
CA LYS C 220 -30.69 17.41 -0.36
C LYS C 220 -29.62 18.21 0.39
N PRO C 221 -28.70 17.51 1.07
CA PRO C 221 -27.58 18.13 1.73
C PRO C 221 -26.63 18.90 0.79
N THR C 222 -25.79 19.74 1.38
CA THR C 222 -24.96 20.66 0.64
C THR C 222 -24.06 19.90 -0.36
N GLU C 223 -23.63 18.69 0.00
CA GLU C 223 -22.75 17.83 -0.86
C GLU C 223 -23.28 17.64 -2.25
N TYR C 224 -24.59 17.42 -2.30
CA TYR C 224 -25.34 17.19 -3.53
C TYR C 224 -25.39 18.50 -4.32
N TYR C 225 -25.69 19.61 -3.65
CA TYR C 225 -25.69 20.90 -4.35
C TYR C 225 -24.30 21.19 -4.95
N GLN C 226 -23.24 20.80 -4.25
CA GLN C 226 -21.88 21.06 -4.76
C GLN C 226 -21.53 20.18 -5.95
N LYS C 227 -21.87 18.89 -5.86
CA LYS C 227 -21.67 17.96 -6.96
C LYS C 227 -22.39 18.39 -8.26
N PHE C 228 -23.66 18.79 -8.13
CA PHE C 228 -24.49 19.06 -9.29
C PHE C 228 -24.72 20.53 -9.56
N LYS C 229 -23.96 21.39 -8.87
CA LYS C 229 -23.98 22.84 -9.07
C LYS C 229 -25.41 23.36 -9.06
N ILE C 230 -26.15 22.95 -8.05
CA ILE C 230 -27.57 23.23 -8.02
C ILE C 230 -27.74 24.66 -7.64
N VAL C 231 -28.58 25.37 -8.40
CA VAL C 231 -28.90 26.77 -8.14
C VAL C 231 -30.39 26.82 -7.84
N VAL C 232 -30.72 27.36 -6.68
CA VAL C 232 -32.10 27.58 -6.25
C VAL C 232 -32.39 29.08 -6.23
N GLU C 233 -33.48 29.50 -6.89
CA GLU C 233 -33.98 30.88 -6.78
C GLU C 233 -35.38 30.88 -6.19
N ASP C 234 -35.54 31.64 -5.10
CA ASP C 234 -36.84 31.85 -4.48
C ASP C 234 -37.53 30.53 -4.09
N GLY C 235 -36.74 29.53 -3.74
CA GLY C 235 -37.28 28.30 -3.23
C GLY C 235 -37.50 27.20 -4.26
N ARG C 236 -37.19 27.50 -5.51
CA ARG C 236 -37.33 26.55 -6.60
C ARG C 236 -36.00 26.34 -7.30
N VAL C 237 -35.76 25.11 -7.73
CA VAL C 237 -34.55 24.74 -8.40
C VAL C 237 -34.56 25.43 -9.76
N TYR C 238 -33.50 26.18 -10.06
CA TYR C 238 -33.40 26.94 -11.30
C TYR C 238 -32.57 26.15 -12.30
N SER C 239 -31.40 25.66 -11.87
CA SER C 239 -30.52 24.88 -12.74
C SER C 239 -29.69 23.87 -12.00
N PHE C 240 -29.20 22.88 -12.75
CA PHE C 240 -28.21 21.93 -12.26
C PHE C 240 -27.29 21.54 -13.40
N ARG C 241 -26.21 20.85 -13.06
CA ARG C 241 -25.18 20.50 -14.03
C ARG C 241 -25.02 19.00 -14.10
N GLY C 242 -25.03 18.47 -15.32
CA GLY C 242 -24.88 17.02 -15.56
C GLY C 242 -23.66 16.79 -16.46
N GLU C 243 -23.26 15.52 -16.56
CA GLU C 243 -22.18 15.07 -17.41
C GLU C 243 -22.71 14.25 -18.57
N SER C 244 -22.03 14.38 -19.71
CA SER C 244 -22.19 13.48 -20.81
C SER C 244 -20.84 13.00 -21.34
N ILE C 245 -20.88 11.94 -22.11
CA ILE C 245 -19.70 11.34 -22.66
C ILE C 245 -19.82 11.03 -24.15
N LEU C 246 -18.67 10.99 -24.81
CA LEU C 246 -18.55 10.63 -26.21
C LEU C 246 -17.44 9.54 -26.20
N MSE C 247 -17.79 8.30 -26.56
CA MSE C 247 -16.82 7.23 -26.70
C MSE C 247 -16.61 6.81 -28.14
O MSE C 247 -17.58 6.74 -28.89
CB MSE C 247 -17.26 6.08 -25.83
CG MSE C 247 -17.18 6.41 -24.36
SE MSE C 247 -17.96 5.03 -23.32
CE MSE C 247 -19.72 5.04 -24.04
N LYS C 248 -15.34 6.60 -28.54
CA LYS C 248 -14.95 6.07 -29.82
C LYS C 248 -14.31 4.71 -29.48
N ALA C 249 -14.96 3.61 -29.85
CA ALA C 249 -14.50 2.27 -29.54
C ALA C 249 -14.36 1.48 -30.87
N ARG C 250 -13.29 0.68 -30.96
CA ARG C 250 -12.94 -0.05 -32.18
C ARG C 250 -13.30 -1.53 -32.07
N LYS C 251 -13.92 -2.06 -33.14
CA LYS C 251 -14.01 -3.52 -33.37
C LYS C 251 -12.67 -3.91 -34.00
N PRO C 252 -11.88 -4.73 -33.30
CA PRO C 252 -10.54 -4.99 -33.83
C PRO C 252 -10.49 -5.62 -35.25
N THR C 253 -9.43 -5.25 -35.96
CA THR C 253 -9.13 -5.74 -37.29
C THR C 253 -8.63 -7.16 -37.21
N GLY D 23 6.31 18.78 26.58
CA GLY D 23 7.06 17.48 26.54
C GLY D 23 7.94 17.25 27.75
N SER D 24 8.79 16.23 27.66
CA SER D 24 9.33 15.50 28.84
C SER D 24 8.07 15.13 29.62
N ASP D 25 7.04 14.75 28.87
CA ASP D 25 5.91 14.07 29.45
C ASP D 25 6.02 12.57 29.10
N LEU D 26 5.08 11.81 29.63
CA LEU D 26 5.07 10.39 29.41
C LEU D 26 4.96 10.05 27.93
N ALA D 27 4.23 10.86 27.18
CA ALA D 27 3.97 10.55 25.78
C ALA D 27 5.22 10.68 24.92
N LYS D 28 6.04 11.67 25.21
CA LYS D 28 7.28 11.83 24.49
C LYS D 28 8.24 10.69 24.83
N LEU D 29 8.22 10.27 26.08
CA LEU D 29 9.05 9.13 26.50
C LEU D 29 8.67 7.88 25.73
N MSE D 30 7.37 7.64 25.64
CA MSE D 30 6.83 6.50 24.89
C MSE D 30 7.25 6.54 23.40
O MSE D 30 7.67 5.54 22.86
CB MSE D 30 5.32 6.53 25.00
CG MSE D 30 4.79 6.17 26.39
SE MSE D 30 5.42 4.46 27.09
CE MSE D 30 4.16 3.37 26.17
N GLN D 31 7.12 7.69 22.77
CA GLN D 31 7.46 7.85 21.36
C GLN D 31 8.91 7.47 21.11
N ILE D 32 9.80 7.94 21.98
CA ILE D 32 11.26 7.79 21.81
C ILE D 32 11.68 6.35 22.04
N ALA D 33 10.93 5.66 22.90
CA ALA D 33 11.22 4.29 23.26
C ALA D 33 11.14 3.37 22.07
N ALA D 34 10.25 3.69 21.14
CA ALA D 34 10.09 2.96 19.90
C ALA D 34 9.91 1.47 20.15
N LEU D 35 8.87 1.17 20.91
CA LEU D 35 8.61 -0.18 21.44
C LEU D 35 8.25 -1.10 20.34
N LYS D 36 8.65 -2.37 20.53
CA LYS D 36 8.36 -3.45 19.61
C LYS D 36 7.22 -4.35 20.08
N GLY D 37 6.92 -4.38 21.38
CA GLY D 37 5.85 -5.22 21.92
C GLY D 37 6.33 -6.41 22.75
N ASN D 38 7.60 -6.77 22.63
CA ASN D 38 8.16 -7.92 23.31
C ASN D 38 8.98 -7.61 24.56
N GLU D 39 8.91 -6.38 25.07
CA GLU D 39 9.91 -5.98 26.03
C GLU D 39 9.61 -6.36 27.48
N GLU D 40 10.67 -6.68 28.19
CA GLU D 40 10.65 -6.70 29.63
C GLU D 40 11.28 -5.42 30.08
N VAL D 41 10.52 -4.69 30.90
CA VAL D 41 10.83 -3.31 31.27
C VAL D 41 11.00 -3.20 32.77
N LEU D 42 12.05 -2.52 33.17
CA LEU D 42 12.28 -2.21 34.55
C LEU D 42 12.02 -0.71 34.78
N ASP D 43 11.04 -0.38 35.61
CA ASP D 43 10.86 1.03 35.99
C ASP D 43 11.55 1.34 37.32
N VAL D 44 12.70 2.00 37.25
CA VAL D 44 13.49 2.27 38.44
C VAL D 44 12.89 3.49 39.14
N ALA D 45 12.62 3.36 40.44
CA ALA D 45 12.05 4.44 41.26
C ALA D 45 10.66 4.80 40.77
N THR D 46 9.81 3.77 40.76
CA THR D 46 8.53 3.86 40.12
C THR D 46 7.62 4.93 40.74
N GLY D 47 7.88 5.24 42.01
CA GLY D 47 7.11 6.26 42.72
C GLY D 47 5.61 5.98 42.70
N GLY D 48 4.87 6.86 42.01
CA GLY D 48 3.41 6.69 41.88
C GLY D 48 3.05 5.69 40.79
N GLY D 49 4.06 5.16 40.10
CA GLY D 49 3.87 4.09 39.10
C GLY D 49 3.38 4.53 37.72
N HIS D 50 3.52 5.80 37.45
CA HIS D 50 3.02 6.38 36.23
C HIS D 50 3.77 5.89 35.00
N VAL D 51 5.11 5.80 35.04
CA VAL D 51 5.84 5.27 33.91
C VAL D 51 5.52 3.80 33.69
N ALA D 52 5.62 2.97 34.72
CA ALA D 52 5.16 1.59 34.62
C ALA D 52 3.74 1.44 34.02
N ASN D 53 2.79 2.26 34.47
CA ASN D 53 1.41 2.18 33.94
C ASN D 53 1.37 2.45 32.43
N ALA D 54 2.16 3.43 32.03
CA ALA D 54 2.25 3.88 30.65
C ALA D 54 2.72 2.79 29.72
N PHE D 55 3.81 2.13 30.09
CA PHE D 55 4.38 1.06 29.27
C PHE D 55 3.53 -0.21 29.28
N ALA D 56 2.82 -0.44 30.38
CA ALA D 56 2.16 -1.78 30.60
C ALA D 56 1.32 -2.35 29.44
N PRO D 57 0.54 -1.53 28.74
CA PRO D 57 -0.22 -2.13 27.63
C PRO D 57 0.54 -2.45 26.34
N PHE D 58 1.81 -2.05 26.23
CA PHE D 58 2.58 -2.11 24.97
C PHE D 58 3.85 -2.96 25.01
N VAL D 59 4.11 -3.59 26.15
CA VAL D 59 5.30 -4.41 26.37
C VAL D 59 4.86 -5.76 26.95
N LYS D 60 5.78 -6.72 27.07
CA LYS D 60 5.44 -8.05 27.59
C LYS D 60 5.31 -8.06 29.13
N LYS D 61 6.33 -7.56 29.82
CA LYS D 61 6.37 -7.57 31.30
C LYS D 61 6.92 -6.26 31.78
N VAL D 62 6.38 -5.80 32.90
CA VAL D 62 6.92 -4.65 33.62
C VAL D 62 7.22 -4.97 35.09
N VAL D 63 8.42 -4.58 35.51
CA VAL D 63 8.84 -4.63 36.89
C VAL D 63 8.89 -3.22 37.41
N ALA D 64 8.04 -2.90 38.37
CA ALA D 64 8.04 -1.62 39.05
C ALA D 64 8.87 -1.75 40.32
N PHE D 65 9.79 -0.81 40.47
CA PHE D 65 10.91 -0.99 41.37
C PHE D 65 11.12 0.29 42.19
N ASP D 66 10.96 0.19 43.53
CA ASP D 66 11.32 1.27 44.42
C ASP D 66 11.77 0.77 45.79
N LEU D 67 12.10 1.73 46.65
CA LEU D 67 12.81 1.52 47.90
C LEU D 67 12.00 0.90 49.01
N THR D 68 10.71 1.25 49.11
CA THR D 68 9.87 0.78 50.21
C THR D 68 8.50 0.19 49.76
N GLU D 69 7.97 -0.73 50.54
CA GLU D 69 6.64 -1.25 50.28
C GLU D 69 5.61 -0.11 50.36
N ASP D 70 5.92 0.93 51.14
CA ASP D 70 5.06 2.09 51.24
C ASP D 70 4.82 2.66 49.86
N ILE D 71 5.92 2.81 49.13
CA ILE D 71 5.92 3.32 47.77
C ILE D 71 5.34 2.36 46.74
N LEU D 72 5.70 1.10 46.84
CA LEU D 72 5.20 0.09 45.91
C LEU D 72 3.68 -0.15 46.11
N LYS D 73 3.17 0.02 47.32
CA LYS D 73 1.71 -0.07 47.52
C LYS D 73 1.01 1.06 46.75
N VAL D 74 1.52 2.29 46.88
CA VAL D 74 0.97 3.43 46.14
C VAL D 74 0.95 3.13 44.63
N ALA D 75 2.06 2.64 44.10
CA ALA D 75 2.17 2.33 42.66
C ALA D 75 1.26 1.16 42.26
N ARG D 76 1.24 0.12 43.09
CA ARG D 76 0.44 -1.06 42.79
C ARG D 76 -1.01 -0.63 42.65
N ALA D 77 -1.46 0.31 43.48
CA ALA D 77 -2.85 0.75 43.47
C ALA D 77 -3.18 1.49 42.18
N PHE D 78 -2.33 2.44 41.78
CA PHE D 78 -2.56 3.20 40.55
C PHE D 78 -2.65 2.25 39.35
N ILE D 79 -1.71 1.33 39.26
CA ILE D 79 -1.55 0.50 38.08
C ILE D 79 -2.69 -0.52 37.99
N GLU D 80 -3.11 -1.05 39.12
CA GLU D 80 -4.23 -2.01 39.15
C GLU D 80 -5.59 -1.32 38.97
N GLY D 81 -5.73 -0.12 39.51
CA GLY D 81 -6.91 0.71 39.22
C GLY D 81 -7.06 1.03 37.74
N ASN D 82 -5.96 0.98 37.00
CA ASN D 82 -6.00 1.22 35.56
C ASN D 82 -6.07 -0.08 34.77
N GLY D 83 -6.13 -1.21 35.47
CA GLY D 83 -6.44 -2.48 34.83
C GLY D 83 -5.31 -3.50 34.80
N HIS D 84 -4.09 -3.04 35.00
CA HIS D 84 -2.92 -3.91 34.78
C HIS D 84 -2.53 -4.68 36.06
N GLN D 85 -2.97 -5.94 36.08
CA GLN D 85 -2.76 -6.88 37.19
C GLN D 85 -1.47 -7.68 37.09
N GLN D 86 -0.65 -7.46 36.04
CA GLN D 86 0.46 -8.36 35.73
C GLN D 86 1.85 -7.76 35.91
N VAL D 87 1.92 -6.56 36.49
CA VAL D 87 3.19 -5.90 36.80
C VAL D 87 3.83 -6.55 38.04
N GLU D 88 5.15 -6.67 38.02
CA GLU D 88 5.86 -7.27 39.13
C GLU D 88 6.43 -6.14 40.00
N TYR D 89 6.08 -6.13 41.28
CA TYR D 89 6.47 -5.05 42.18
C TYR D 89 7.69 -5.46 42.99
N VAL D 90 8.81 -4.74 42.86
CA VAL D 90 10.03 -5.18 43.54
C VAL D 90 10.66 -4.06 44.37
N GLN D 91 11.10 -4.39 45.58
CA GLN D 91 11.74 -3.45 46.54
C GLN D 91 13.27 -3.46 46.39
N GLY D 92 13.87 -2.28 46.31
CA GLY D 92 15.30 -2.20 46.25
C GLY D 92 15.90 -0.86 45.97
N ASP D 93 17.23 -0.87 45.91
CA ASP D 93 18.06 0.30 45.70
C ASP D 93 18.61 0.32 44.27
N ALA D 94 18.44 1.44 43.59
CA ALA D 94 18.85 1.60 42.21
C ALA D 94 20.35 1.39 41.99
N GLU D 95 21.10 1.47 43.09
CA GLU D 95 22.53 1.35 43.09
C GLU D 95 23.02 -0.06 43.40
N GLN D 96 22.14 -0.93 43.88
CA GLN D 96 22.48 -2.33 44.13
C GLN D 96 21.19 -3.16 43.89
N MSE D 97 20.95 -3.41 42.60
CA MSE D 97 19.70 -3.96 42.14
C MSE D 97 19.72 -5.47 42.23
O MSE D 97 20.72 -6.13 41.93
CB MSE D 97 19.42 -3.57 40.70
CG MSE D 97 19.70 -2.14 40.34
SE MSE D 97 18.95 -1.70 38.55
CE MSE D 97 17.43 -1.07 39.43
N PRO D 98 18.60 -6.04 42.65
CA PRO D 98 18.54 -7.48 42.90
C PRO D 98 18.17 -8.30 41.65
N PHE D 99 18.67 -7.93 40.48
CA PHE D 99 18.31 -8.61 39.23
C PHE D 99 19.51 -9.25 38.59
N THR D 100 19.28 -10.32 37.84
CA THR D 100 20.35 -10.94 37.07
C THR D 100 20.79 -10.09 35.90
N ASP D 101 22.01 -10.34 35.41
CA ASP D 101 22.54 -9.60 34.27
C ASP D 101 21.64 -9.89 33.09
N GLU D 102 21.54 -8.94 32.16
CA GLU D 102 20.92 -9.12 30.84
C GLU D 102 19.52 -9.63 30.96
N ARG D 103 18.78 -9.08 31.89
CA ARG D 103 17.39 -9.47 32.03
C ARG D 103 16.40 -8.57 31.23
N PHE D 104 16.70 -7.28 31.10
CA PHE D 104 15.71 -6.33 30.62
C PHE D 104 16.03 -5.80 29.24
N HIS D 105 15.00 -5.57 28.42
CA HIS D 105 15.18 -4.86 27.17
C HIS D 105 15.21 -3.36 27.41
N ILE D 106 14.45 -2.89 28.41
CA ILE D 106 14.38 -1.50 28.79
C ILE D 106 14.53 -1.25 30.29
N VAL D 107 15.35 -0.25 30.61
CA VAL D 107 15.30 0.36 31.94
C VAL D 107 14.84 1.79 31.80
N THR D 108 13.78 2.15 32.50
CA THR D 108 13.36 3.54 32.61
C THR D 108 13.56 4.11 34.00
N CYS D 109 13.72 5.43 34.06
CA CYS D 109 13.93 6.10 35.31
C CYS D 109 13.60 7.57 35.15
N ARG D 110 12.54 8.03 35.77
CA ARG D 110 12.06 9.38 35.53
C ARG D 110 11.98 10.22 36.79
N ILE D 111 12.57 11.43 36.71
CA ILE D 111 12.61 12.45 37.79
C ILE D 111 12.98 11.90 39.16
N ALA D 112 13.95 10.97 39.16
CA ALA D 112 14.36 10.25 40.34
C ALA D 112 15.85 10.35 40.62
N ALA D 113 16.65 10.46 39.58
CA ALA D 113 18.09 10.29 39.71
C ALA D 113 18.82 11.37 40.53
N HIS D 114 18.31 12.59 40.47
CA HIS D 114 18.83 13.70 41.28
C HIS D 114 18.68 13.48 42.79
N HIS D 115 17.97 12.44 43.23
CA HIS D 115 17.98 12.01 44.62
C HIS D 115 19.01 10.87 44.97
N PHE D 116 19.58 10.19 43.98
CA PHE D 116 20.48 9.07 44.20
C PHE D 116 21.81 9.53 44.78
N PRO D 117 22.21 9.06 45.97
CA PRO D 117 23.53 9.45 46.46
C PRO D 117 24.74 9.03 45.61
N ASN D 118 24.65 7.92 44.89
CA ASN D 118 25.68 7.48 43.96
C ASN D 118 25.12 7.13 42.56
N PRO D 119 24.80 8.14 41.74
CA PRO D 119 24.12 7.91 40.47
C PRO D 119 24.92 7.08 39.46
N ALA D 120 26.24 7.13 39.54
CA ALA D 120 27.06 6.35 38.65
C ALA D 120 26.89 4.83 38.89
N SER D 121 26.64 4.42 40.13
CA SER D 121 26.30 3.05 40.48
C SER D 121 24.95 2.65 39.93
N PHE D 122 24.02 3.58 39.91
CA PHE D 122 22.77 3.36 39.21
C PHE D 122 23.02 3.12 37.71
N VAL D 123 23.79 4.00 37.11
CA VAL D 123 24.10 3.83 35.68
C VAL D 123 24.79 2.50 35.37
N SER D 124 25.72 2.06 36.22
CA SER D 124 26.38 0.77 36.00
C SER D 124 25.46 -0.44 36.25
N GLU D 125 24.55 -0.31 37.21
CA GLU D 125 23.58 -1.35 37.43
C GLU D 125 22.58 -1.47 36.27
N ALA D 126 22.15 -0.33 35.75
CA ALA D 126 21.23 -0.31 34.62
C ALA D 126 21.89 -1.02 33.46
N TYR D 127 23.10 -0.61 33.15
CA TYR D 127 23.89 -1.24 32.10
C TYR D 127 23.95 -2.77 32.25
N ARG D 128 24.29 -3.22 33.45
CA ARG D 128 24.36 -4.65 33.79
C ARG D 128 23.07 -5.44 33.58
N VAL D 129 21.97 -4.86 34.00
CA VAL D 129 20.71 -5.57 33.94
C VAL D 129 20.05 -5.53 32.54
N LEU D 130 20.52 -4.65 31.69
CA LEU D 130 20.09 -4.60 30.31
C LEU D 130 20.67 -5.73 29.47
N LYS D 131 19.84 -6.25 28.58
CA LYS D 131 20.26 -7.12 27.52
C LYS D 131 21.12 -6.31 26.60
N LYS D 132 22.02 -7.01 25.91
CA LYS D 132 22.81 -6.42 24.88
C LYS D 132 21.84 -5.90 23.83
N GLY D 133 22.01 -4.66 23.37
CA GLY D 133 21.05 -4.04 22.46
C GLY D 133 19.79 -3.46 23.13
N GLY D 134 19.70 -3.59 24.45
CA GLY D 134 18.66 -2.92 25.22
C GLY D 134 18.92 -1.46 25.42
N GLN D 135 17.98 -0.74 26.03
CA GLN D 135 18.11 0.73 26.14
C GLN D 135 17.76 1.28 27.49
N LEU D 136 18.47 2.34 27.85
CA LEU D 136 18.18 3.08 29.06
C LEU D 136 17.41 4.31 28.61
N LEU D 137 16.27 4.57 29.27
CA LEU D 137 15.48 5.81 29.05
C LEU D 137 15.45 6.65 30.34
N LEU D 138 16.20 7.75 30.34
CA LEU D 138 16.43 8.47 31.56
C LEU D 138 15.90 9.89 31.41
N VAL D 139 14.99 10.28 32.31
CA VAL D 139 14.41 11.64 32.38
C VAL D 139 14.70 12.24 33.75
N ASP D 140 15.25 13.45 33.76
CA ASP D 140 15.49 14.17 35.00
C ASP D 140 15.66 15.67 34.75
N ASN D 141 15.62 16.42 35.84
CA ASN D 141 15.98 17.85 35.81
C ASN D 141 17.46 17.98 35.57
N SER D 142 17.90 19.00 34.83
CA SER D 142 19.32 19.15 34.59
C SER D 142 19.79 20.53 35.01
N ALA D 143 21.10 20.65 35.26
CA ALA D 143 21.70 21.89 35.64
C ALA D 143 22.48 22.46 34.46
N PRO D 144 22.62 23.81 34.41
CA PRO D 144 23.41 24.47 33.39
C PRO D 144 24.86 24.06 33.43
N GLU D 145 25.50 24.11 32.26
CA GLU D 145 26.91 23.92 32.19
C GLU D 145 27.64 24.96 32.99
N ASN D 146 27.14 26.20 32.97
CA ASN D 146 27.78 27.32 33.69
C ASN D 146 27.83 27.00 35.18
N ASP D 147 29.02 27.08 35.76
CA ASP D 147 29.24 26.68 37.16
C ASP D 147 28.43 27.51 38.16
N ALA D 148 28.45 28.83 38.00
CA ALA D 148 27.72 29.66 38.92
C ALA D 148 26.23 29.30 38.93
N PHE D 149 25.67 29.16 37.76
CA PHE D 149 24.23 28.81 37.65
C PHE D 149 23.93 27.38 38.07
N ASP D 150 24.85 26.46 37.83
CA ASP D 150 24.72 25.09 38.35
C ASP D 150 24.63 25.12 39.89
N VAL D 151 25.60 25.75 40.54
CA VAL D 151 25.61 25.89 41.99
C VAL D 151 24.35 26.54 42.47
N PHE D 152 24.01 27.69 41.86
CA PHE D 152 22.80 28.41 42.28
C PHE D 152 21.54 27.55 42.15
N TYR D 153 21.39 26.90 41.01
CA TYR D 153 20.21 26.11 40.76
C TYR D 153 20.08 24.99 41.82
N ASN D 154 21.18 24.29 42.04
CA ASN D 154 21.19 23.15 42.94
C ASN D 154 20.95 23.60 44.38
N TYR D 155 21.45 24.79 44.72
CA TYR D 155 21.25 25.36 46.03
C TYR D 155 19.78 25.56 46.32
N VAL D 156 19.10 26.18 45.35
CA VAL D 156 17.66 26.42 45.40
C VAL D 156 16.86 25.13 45.49
N GLU D 157 17.24 24.15 44.70
CA GLU D 157 16.64 22.80 44.80
C GLU D 157 16.75 22.16 46.17
N LYS D 158 17.94 22.26 46.75
CA LYS D 158 18.25 21.65 48.05
C LYS D 158 17.56 22.40 49.19
N GLU D 159 17.48 23.72 49.11
CA GLU D 159 16.73 24.47 50.11
C GLU D 159 15.27 24.11 50.14
N ARG D 160 14.70 23.84 48.98
CA ARG D 160 13.30 23.40 48.88
C ARG D 160 13.10 21.92 49.17
N ASP D 161 14.12 21.10 48.94
CA ASP D 161 14.04 19.68 49.24
C ASP D 161 15.37 19.15 49.76
N TYR D 162 15.43 18.91 51.06
CA TYR D 162 16.60 18.34 51.74
C TYR D 162 17.04 17.03 51.17
N SER D 163 16.10 16.20 50.67
CA SER D 163 16.44 14.93 50.02
C SER D 163 17.03 15.05 48.61
N HIS D 164 16.97 16.22 48.01
CA HIS D 164 17.77 16.53 46.80
C HIS D 164 19.24 16.17 46.97
N HIS D 165 19.82 15.42 46.04
CA HIS D 165 21.24 15.17 46.05
C HIS D 165 21.94 16.14 45.11
N ARG D 166 21.71 15.97 43.82
CA ARG D 166 22.27 16.85 42.81
C ARG D 166 21.53 16.65 41.50
N ALA D 167 21.16 17.75 40.86
CA ALA D 167 20.77 17.73 39.46
C ALA D 167 22.06 17.92 38.66
N TRP D 168 22.41 16.89 37.91
CA TRP D 168 23.65 16.86 37.16
C TRP D 168 23.53 17.62 35.88
N LYS D 169 24.68 18.05 35.38
CA LYS D 169 24.74 18.70 34.10
C LYS D 169 24.55 17.69 32.98
N LYS D 170 24.11 18.19 31.83
CA LYS D 170 23.99 17.35 30.64
C LYS D 170 25.35 16.72 30.36
N SER D 171 26.43 17.48 30.47
CA SER D 171 27.80 16.96 30.29
C SER D 171 28.21 15.90 31.33
N ASP D 172 27.67 15.99 32.55
CA ASP D 172 27.94 15.02 33.57
C ASP D 172 27.26 13.69 33.20
N TRP D 173 26.03 13.76 32.71
CA TRP D 173 25.34 12.56 32.24
C TRP D 173 26.06 11.97 31.04
N LEU D 174 26.57 12.80 30.13
CA LEU D 174 27.36 12.27 29.02
C LEU D 174 28.51 11.43 29.51
N LYS D 175 29.24 11.98 30.47
CA LYS D 175 30.38 11.31 31.06
C LYS D 175 30.01 9.99 31.76
N MSE D 176 28.91 9.99 32.51
CA MSE D 176 28.57 8.85 33.25
C MSE D 176 28.10 7.76 32.33
O MSE D 176 28.41 6.58 32.54
CB MSE D 176 27.48 9.20 34.27
CG MSE D 176 27.99 9.85 35.55
SE MSE D 176 26.57 10.00 36.95
CE MSE D 176 25.70 11.66 36.47
N LEU D 177 27.35 8.14 31.31
CA LEU D 177 26.90 7.15 30.35
C LEU D 177 28.06 6.49 29.61
N GLU D 178 29.00 7.30 29.11
CA GLU D 178 30.11 6.74 28.38
C GLU D 178 30.92 5.87 29.33
N GLU D 179 31.13 6.29 30.57
CA GLU D 179 31.98 5.55 31.51
C GLU D 179 31.38 4.20 31.85
N ALA D 180 30.08 4.07 31.74
CA ALA D 180 29.41 2.79 32.05
C ALA D 180 29.36 1.85 30.87
N GLY D 181 29.67 2.38 29.70
CA GLY D 181 29.54 1.63 28.46
C GLY D 181 28.37 1.97 27.56
N PHE D 182 27.45 2.81 28.00
CA PHE D 182 26.33 3.18 27.11
C PHE D 182 26.76 4.04 25.93
N GLU D 183 26.02 3.89 24.83
CA GLU D 183 26.14 4.79 23.67
C GLU D 183 24.86 5.60 23.53
N LEU D 184 24.97 6.90 23.79
CA LEU D 184 23.80 7.76 23.71
C LEU D 184 23.33 7.73 22.27
N GLU D 185 22.01 7.70 22.10
CA GLU D 185 21.40 7.85 20.80
C GLU D 185 20.74 9.22 20.64
N GLU D 186 19.90 9.59 21.60
CA GLU D 186 19.11 10.83 21.54
C GLU D 186 19.11 11.47 22.89
N LEU D 187 19.27 12.78 22.89
CA LEU D 187 19.06 13.65 24.03
C LEU D 187 18.12 14.77 23.62
N HIS D 188 17.06 14.93 24.39
CA HIS D 188 16.06 15.97 24.14
C HIS D 188 15.94 16.84 25.37
N CYS D 189 15.96 18.17 25.19
CA CYS D 189 15.93 19.10 26.28
C CYS D 189 14.60 19.83 26.27
N PHE D 190 14.07 20.05 27.46
CA PHE D 190 12.83 20.79 27.65
C PHE D 190 12.99 21.78 28.75
N HIS D 191 12.06 22.73 28.82
CA HIS D 191 11.97 23.70 29.92
C HIS D 191 10.58 23.75 30.52
N LYS D 192 10.51 23.88 31.83
CA LYS D 192 9.24 23.93 32.57
C LYS D 192 9.25 25.22 33.42
N THR D 193 8.13 25.90 33.50
CA THR D 193 7.97 27.01 34.40
C THR D 193 7.40 26.47 35.72
N PHE D 194 8.13 26.69 36.81
CA PHE D 194 7.69 26.35 38.17
C PHE D 194 7.00 27.54 38.84
N ILE D 195 5.83 27.32 39.40
CA ILE D 195 5.18 28.30 40.30
C ILE D 195 5.75 28.14 41.71
N PHE D 196 6.46 29.17 42.16
CA PHE D 196 7.27 29.06 43.37
C PHE D 196 6.51 28.55 44.57
N GLU D 197 5.35 29.16 44.80
CA GLU D 197 4.60 28.85 46.01
C GLU D 197 4.12 27.42 46.00
N ASP D 198 3.60 26.96 44.86
CA ASP D 198 3.17 25.56 44.70
C ASP D 198 4.36 24.61 44.80
N TRP D 199 5.44 24.92 44.09
CA TRP D 199 6.60 24.09 44.06
C TRP D 199 7.14 23.91 45.47
N CYS D 200 7.16 25.00 46.22
CA CYS D 200 7.54 24.94 47.61
C CYS D 200 6.55 24.14 48.47
N ASP D 201 5.25 24.35 48.25
CA ASP D 201 4.24 23.73 49.10
C ASP D 201 4.14 22.21 48.95
N ARG D 202 4.47 21.72 47.76
CA ARG D 202 4.49 20.27 47.51
C ARG D 202 5.50 19.54 48.40
N MSE D 203 6.56 20.26 48.80
CA MSE D 203 7.57 19.72 49.70
C MSE D 203 7.42 20.23 51.13
O MSE D 203 8.34 20.08 51.92
CB MSE D 203 9.01 20.05 49.22
CG MSE D 203 9.49 19.26 48.08
SE MSE D 203 9.38 17.36 48.43
CE MSE D 203 10.23 17.26 50.27
N ASN D 204 6.27 20.81 51.49
CA ASN D 204 6.07 21.34 52.84
C ASN D 204 7.17 22.23 53.40
N VAL D 205 7.63 23.15 52.58
CA VAL D 205 8.60 24.14 53.02
C VAL D 205 7.93 25.03 54.07
N THR D 206 8.67 25.32 55.15
CA THR D 206 8.12 26.19 56.21
C THR D 206 7.96 27.59 55.67
N THR D 207 7.04 28.37 56.22
CA THR D 207 6.90 29.72 55.65
C THR D 207 8.19 30.56 55.87
N GLU D 208 8.92 30.36 56.97
CA GLU D 208 10.21 31.08 57.14
C GLU D 208 11.20 30.68 56.05
N LYS D 209 11.30 29.40 55.76
CA LYS D 209 12.24 28.95 54.74
C LYS D 209 11.81 29.48 53.36
N LYS D 210 10.51 29.42 53.04
CA LYS D 210 9.96 29.98 51.75
C LYS D 210 10.32 31.46 51.60
N GLN D 211 10.10 32.20 52.69
CA GLN D 211 10.43 33.62 52.67
C GLN D 211 11.95 33.83 52.43
N GLU D 212 12.74 33.08 53.18
CA GLU D 212 14.18 33.20 53.11
C GLU D 212 14.65 32.90 51.70
N LEU D 213 14.04 31.87 51.12
CA LEU D 213 14.45 31.36 49.83
C LEU D 213 14.08 32.36 48.73
N SER D 214 12.88 32.88 48.81
CA SER D 214 12.39 33.92 47.92
C SER D 214 13.33 35.15 48.03
N ASP D 215 13.63 35.59 49.24
CA ASP D 215 14.51 36.72 49.41
C ASP D 215 15.87 36.49 48.79
N PHE D 216 16.38 35.27 48.96
CA PHE D 216 17.70 34.91 48.42
C PHE D 216 17.72 35.04 46.87
N ILE D 217 16.75 34.41 46.23
CA ILE D 217 16.57 34.43 44.81
C ILE D 217 16.38 35.85 44.30
N LYS D 218 15.53 36.61 44.97
CA LYS D 218 15.25 37.98 44.58
C LYS D 218 16.53 38.86 44.59
N SER D 219 17.42 38.60 45.54
CA SER D 219 18.64 39.39 45.72
C SER D 219 19.65 39.15 44.60
N LYS D 220 19.45 38.12 43.78
CA LYS D 220 20.40 37.90 42.66
C LYS D 220 20.43 39.00 41.59
N PRO D 221 21.62 39.17 40.97
CA PRO D 221 21.76 40.10 39.85
C PRO D 221 20.92 39.73 38.64
N THR D 222 20.76 40.70 37.75
CA THR D 222 19.95 40.58 36.53
C THR D 222 20.20 39.32 35.71
N GLU D 223 21.47 38.96 35.58
CA GLU D 223 21.88 37.82 34.79
C GLU D 223 21.24 36.53 35.27
N TYR D 224 21.08 36.39 36.58
CA TYR D 224 20.37 35.23 37.14
C TYR D 224 18.89 35.22 36.81
N TYR D 225 18.26 36.39 36.87
CA TYR D 225 16.86 36.53 36.50
C TYR D 225 16.65 36.15 35.06
N GLN D 226 17.57 36.58 34.21
CA GLN D 226 17.47 36.31 32.76
C GLN D 226 17.65 34.83 32.46
N LYS D 227 18.64 34.19 33.09
CA LYS D 227 18.89 32.76 32.91
C LYS D 227 17.69 31.93 33.31
N PHE D 228 17.17 32.17 34.50
CA PHE D 228 16.08 31.36 35.05
C PHE D 228 14.67 31.97 34.87
N LYS D 229 14.61 33.04 34.10
CA LYS D 229 13.35 33.69 33.71
C LYS D 229 12.54 33.99 34.96
N ILE D 230 13.24 34.58 35.92
CA ILE D 230 12.64 34.77 37.23
C ILE D 230 11.61 35.88 37.13
N VAL D 231 10.44 35.61 37.69
CA VAL D 231 9.35 36.57 37.79
C VAL D 231 9.07 36.85 39.29
N VAL D 232 9.09 38.14 39.69
CA VAL D 232 8.82 38.55 41.02
C VAL D 232 7.54 39.39 40.99
N GLU D 233 6.62 39.09 41.89
CA GLU D 233 5.41 39.91 42.03
C GLU D 233 5.27 40.35 43.45
N ASP D 234 5.12 41.67 43.65
CA ASP D 234 5.01 42.33 44.94
C ASP D 234 6.12 41.89 45.94
N GLY D 235 7.31 41.66 45.41
CA GLY D 235 8.44 41.42 46.25
C GLY D 235 8.73 39.97 46.53
N ARG D 236 7.89 39.07 46.01
CA ARG D 236 8.02 37.63 46.19
C ARG D 236 8.20 36.92 44.87
N VAL D 237 9.08 35.92 44.86
CA VAL D 237 9.34 35.10 43.67
C VAL D 237 8.02 34.42 43.34
N TYR D 238 7.58 34.59 42.10
CA TYR D 238 6.33 34.01 41.66
C TYR D 238 6.60 32.75 40.85
N SER D 239 7.58 32.81 39.93
CA SER D 239 7.91 31.69 39.07
C SER D 239 9.38 31.76 38.62
N PHE D 240 9.89 30.63 38.18
CA PHE D 240 11.20 30.55 37.55
C PHE D 240 11.13 29.38 36.55
N ARG D 241 12.11 29.33 35.63
CA ARG D 241 12.14 28.33 34.59
C ARG D 241 13.32 27.40 34.79
N GLY D 242 13.03 26.12 34.64
CA GLY D 242 14.05 25.08 34.79
C GLY D 242 14.17 24.26 33.51
N GLU D 243 15.21 23.43 33.47
CA GLU D 243 15.41 22.53 32.34
C GLU D 243 15.31 21.07 32.79
N SER D 244 14.77 20.24 31.89
CA SER D 244 14.84 18.79 32.01
C SER D 244 15.29 18.12 30.72
N ILE D 245 15.72 16.86 30.88
CA ILE D 245 16.26 16.10 29.77
C ILE D 245 15.66 14.71 29.68
N LEU D 246 15.61 14.23 28.46
CA LEU D 246 15.20 12.86 28.15
C LEU D 246 16.33 12.27 27.30
N MSE D 247 16.96 11.21 27.80
CA MSE D 247 18.05 10.56 27.09
C MSE D 247 17.71 9.13 26.74
O MSE D 247 17.08 8.42 27.55
CB MSE D 247 19.29 10.57 27.94
CG MSE D 247 19.78 11.95 28.18
SE MSE D 247 21.28 11.98 29.42
CE MSE D 247 20.20 11.63 30.87
N LYS D 248 18.09 8.72 25.54
CA LYS D 248 17.89 7.36 25.05
C LYS D 248 19.30 6.84 24.77
N ALA D 249 19.75 5.85 25.55
CA ALA D 249 21.14 5.37 25.48
C ALA D 249 21.10 3.88 25.29
N ARG D 250 21.97 3.40 24.41
CA ARG D 250 21.94 2.02 23.98
C ARG D 250 23.04 1.25 24.69
N LYS D 251 22.72 0.04 25.13
CA LYS D 251 23.76 -0.97 25.51
C LYS D 251 24.13 -1.70 24.25
N PRO D 252 25.36 -1.48 23.74
CA PRO D 252 25.73 -2.04 22.44
C PRO D 252 25.53 -3.56 22.28
N THR D 253 25.20 -3.97 21.05
CA THR D 253 24.98 -5.41 20.74
C THR D 253 26.31 -6.12 20.53
#